data_6GL3
#
_entry.id   6GL3
#
_cell.length_a   64.468
_cell.length_b   69.484
_cell.length_c   172.840
_cell.angle_alpha   90.00
_cell.angle_beta   90.00
_cell.angle_gamma   90.00
#
_symmetry.space_group_name_H-M   'P 21 21 21'
#
loop_
_entity.id
_entity.type
_entity.pdbx_description
1 polymer 'Phosphatidylinositol 4-kinase beta,Phosphatidylinositol 4-kinase beta'
2 non-polymer (3~{S})-4-(6-azanyl-1-methyl-pyrazolo[3,4-d]pyrimidin-4-yl)-~{N}-(4-methoxy-2-methyl-phenyl)-3-methyl-piperazine-1-carboxamide
3 water water
#
_entity_poly.entity_id   1
_entity_poly.type   'polypeptide(L)'
_entity_poly.pdbx_seq_one_letter_code
;GSSPVRLAPEREFIKSLMAIGKRLATLPTKEQKTQRLISELSLLNHKLPARVWLPTAGFDHHVVRVPHTQAVVLNSKDKA
PYLIYVEVLECENFDTTSVPARIPENRIRSTRSDSGDGSALKEPWQEKVRRIREGSPYGHLPNWRLLSVIVKCGDDLRQE
LLAFQVLKQLQSIWEQERVPLWIKPYKILVISADSGMIEPVVNAVSIHQVKKQSQLSLLDYFLQEHGSYTTEAFLSAQRN
FVQSCAGYCLVCYLLQVKDRHNGNILLDAEGHIIHIDFGFILSSSPRNLGFETSAFKLTTEFVDVMGGLDGDMFNYYKML
MLQGLIAARKHMDKVVQIVEIMQQGSQLPCFHGSSTIRNLKERFHMSMTEEQLQLLVEQMVDGSMR
;
_entity_poly.pdbx_strand_id   A,B
#
# COMPACT_ATOMS: atom_id res chain seq x y z
N ALA A 8 18.86 13.59 5.09
CA ALA A 8 18.84 12.25 4.42
C ALA A 8 19.87 12.17 3.24
N PRO A 9 21.19 12.06 3.56
CA PRO A 9 22.24 11.92 2.52
C PRO A 9 22.05 10.66 1.69
N GLU A 10 21.74 9.54 2.34
CA GLU A 10 21.32 8.29 1.69
C GLU A 10 20.24 8.38 0.57
N ARG A 11 19.40 9.42 0.61
CA ARG A 11 18.49 9.75 -0.50
C ARG A 11 19.02 10.75 -1.54
N GLU A 12 20.24 11.27 -1.40
CA GLU A 12 20.72 12.38 -2.29
C GLU A 12 20.86 11.98 -3.75
N PHE A 13 21.12 10.70 -3.96
CA PHE A 13 20.99 10.05 -5.24
C PHE A 13 19.57 10.17 -5.83
N ILE A 14 18.56 9.88 -5.01
CA ILE A 14 17.15 9.97 -5.40
C ILE A 14 16.76 11.40 -5.74
N LYS A 15 17.06 12.34 -4.86
CA LYS A 15 16.65 13.75 -5.08
C LYS A 15 17.29 14.37 -6.34
N SER A 16 18.54 14.03 -6.63
CA SER A 16 19.25 14.53 -7.80
C SER A 16 18.75 13.85 -9.10
N LEU A 17 18.43 12.55 -9.02
CA LEU A 17 17.67 11.86 -10.07
C LEU A 17 16.31 12.50 -10.41
N MET A 18 15.47 12.80 -9.41
CA MET A 18 14.19 13.50 -9.65
C MET A 18 14.34 14.94 -10.15
N ALA A 19 15.46 15.57 -9.82
CA ALA A 19 15.76 16.92 -10.31
C ALA A 19 16.06 16.85 -11.82
N ILE A 20 16.88 15.88 -12.24
CA ILE A 20 17.20 15.65 -13.67
C ILE A 20 15.89 15.44 -14.47
N GLY A 21 14.99 14.61 -13.95
CA GLY A 21 13.66 14.37 -14.52
C GLY A 21 12.81 15.60 -14.75
N LYS A 22 12.69 16.44 -13.70
CA LYS A 22 12.02 17.77 -13.81
C LYS A 22 12.67 18.70 -14.81
N ARG A 23 14.01 18.66 -14.92
CA ARG A 23 14.71 19.46 -15.91
C ARG A 23 14.40 19.03 -17.37
N LEU A 24 14.42 17.72 -17.62
CA LEU A 24 14.06 17.17 -18.93
C LEU A 24 12.63 17.51 -19.39
N ALA A 25 11.69 17.64 -18.44
CA ALA A 25 10.33 18.13 -18.74
C ALA A 25 10.26 19.60 -19.28
N THR A 26 11.30 20.40 -19.02
CA THR A 26 11.47 21.72 -19.61
C THR A 26 11.89 21.68 -21.09
N LEU A 27 12.69 20.69 -21.48
CA LEU A 27 13.21 20.59 -22.85
C LEU A 27 12.14 20.05 -23.82
N PRO A 28 12.08 20.59 -25.07
CA PRO A 28 10.96 20.33 -26.02
C PRO A 28 10.99 19.03 -26.83
N THR A 29 12.18 18.51 -27.13
CA THR A 29 12.36 17.33 -27.99
C THR A 29 13.16 16.28 -27.29
N LYS A 30 12.88 15.03 -27.65
CA LYS A 30 13.70 13.86 -27.25
C LYS A 30 15.20 14.07 -27.46
N GLU A 31 15.58 14.70 -28.56
CA GLU A 31 17.00 14.84 -28.87
C GLU A 31 17.65 15.72 -27.80
N GLN A 32 17.04 16.89 -27.55
CA GLN A 32 17.46 17.79 -26.46
C GLN A 32 17.45 17.18 -25.02
N LYS A 33 16.45 16.34 -24.71
CA LYS A 33 16.36 15.64 -23.41
C LYS A 33 17.49 14.62 -23.19
N THR A 34 17.76 13.82 -24.22
CA THR A 34 18.92 12.92 -24.27
C THR A 34 20.23 13.57 -23.91
N GLN A 35 20.53 14.70 -24.53
CA GLN A 35 21.84 15.37 -24.36
C GLN A 35 22.01 15.99 -22.95
N ARG A 36 20.91 16.49 -22.39
CA ARG A 36 20.88 16.96 -21.02
C ARG A 36 20.97 15.80 -20.01
N LEU A 37 20.23 14.72 -20.27
CA LEU A 37 20.28 13.53 -19.40
C LEU A 37 21.72 13.02 -19.25
N ILE A 38 22.39 12.85 -20.40
CA ILE A 38 23.80 12.44 -20.47
C ILE A 38 24.68 13.39 -19.67
N SER A 39 24.60 14.67 -20.03
CA SER A 39 25.34 15.73 -19.34
C SER A 39 25.18 15.72 -17.80
N GLU A 40 23.93 15.59 -17.35
CA GLU A 40 23.58 15.55 -15.93
C GLU A 40 24.11 14.30 -15.21
N LEU A 41 23.85 13.12 -15.78
CA LEU A 41 24.35 11.84 -15.23
C LEU A 41 25.89 11.81 -15.13
N SER A 42 26.56 12.26 -16.19
CA SER A 42 28.02 12.50 -16.21
C SER A 42 28.52 13.38 -15.07
N LEU A 43 27.76 14.44 -14.78
CA LEU A 43 28.00 15.28 -13.60
C LEU A 43 27.74 14.54 -12.29
N LEU A 44 26.65 13.76 -12.24
CA LEU A 44 26.31 12.94 -11.05
C LEU A 44 27.31 11.83 -10.69
N ASN A 45 28.06 11.31 -11.68
CA ASN A 45 29.15 10.36 -11.43
C ASN A 45 30.35 10.96 -10.68
N HIS A 46 30.52 12.29 -10.72
CA HIS A 46 31.51 12.99 -9.91
C HIS A 46 31.20 12.92 -8.40
N LYS A 47 29.90 12.87 -8.05
CA LYS A 47 29.43 12.67 -6.67
C LYS A 47 29.38 11.21 -6.16
N LEU A 48 29.47 10.24 -7.06
CA LEU A 48 29.57 8.78 -6.76
C LEU A 48 31.03 8.32 -6.75
N PRO A 49 31.41 7.24 -6.04
CA PRO A 49 30.57 6.40 -5.18
C PRO A 49 30.27 7.05 -3.82
N ALA A 50 29.12 6.71 -3.24
CA ALA A 50 28.58 7.36 -2.04
C ALA A 50 27.77 6.41 -1.15
N ARG A 51 27.34 6.88 0.03
CA ARG A 51 26.48 6.11 0.94
C ARG A 51 25.01 6.37 0.62
N VAL A 52 24.63 5.95 -0.59
CA VAL A 52 23.29 6.15 -1.18
C VAL A 52 22.83 4.86 -1.83
N TRP A 53 21.52 4.66 -1.80
CA TRP A 53 20.84 3.51 -2.35
C TRP A 53 19.96 3.91 -3.53
N LEU A 54 19.36 2.89 -4.13
CA LEU A 54 18.29 2.99 -5.12
C LEU A 54 17.21 2.05 -4.57
N PRO A 55 16.04 2.59 -4.15
CA PRO A 55 15.18 1.75 -3.28
C PRO A 55 14.52 0.50 -3.89
N THR A 56 14.53 0.41 -5.23
CA THR A 56 14.02 -0.76 -5.96
C THR A 56 14.78 -2.09 -5.68
N ALA A 57 16.05 -2.02 -5.28
CA ALA A 57 16.85 -3.21 -5.06
C ALA A 57 16.39 -3.99 -3.84
N GLY A 58 16.51 -5.31 -3.93
CA GLY A 58 16.18 -6.24 -2.82
C GLY A 58 17.31 -6.53 -1.85
N PHE A 59 18.48 -5.86 -2.00
CA PHE A 59 19.69 -6.14 -1.24
C PHE A 59 20.46 -4.85 -0.90
N ASP A 60 21.21 -4.88 0.20
CA ASP A 60 22.01 -3.74 0.67
C ASP A 60 23.15 -3.48 -0.31
N HIS A 61 23.37 -2.22 -0.63
CA HIS A 61 24.41 -1.83 -1.56
C HIS A 61 24.71 -0.33 -1.46
N HIS A 62 25.78 0.06 -2.14
CA HIS A 62 26.15 1.44 -2.38
C HIS A 62 26.25 1.67 -3.90
N VAL A 63 25.62 2.75 -4.37
CA VAL A 63 25.66 3.14 -5.80
C VAL A 63 27.06 3.67 -6.09
N VAL A 64 27.73 3.06 -7.07
CA VAL A 64 29.09 3.44 -7.47
C VAL A 64 29.19 4.25 -8.75
N ARG A 65 28.26 4.07 -9.70
CA ARG A 65 28.43 4.58 -11.08
C ARG A 65 27.13 4.51 -11.85
N VAL A 66 26.89 5.50 -12.71
CA VAL A 66 25.73 5.56 -13.62
C VAL A 66 26.31 5.77 -15.03
N PRO A 67 26.43 4.68 -15.85
CA PRO A 67 26.88 4.85 -17.24
C PRO A 67 25.93 5.71 -18.11
N HIS A 68 26.40 6.91 -18.45
CA HIS A 68 25.60 7.92 -19.14
C HIS A 68 25.22 7.57 -20.58
N THR A 69 26.06 6.81 -21.27
CA THR A 69 25.80 6.42 -22.68
C THR A 69 24.61 5.42 -22.83
N GLN A 70 24.38 4.60 -21.83
CA GLN A 70 23.28 3.62 -21.80
C GLN A 70 21.94 4.11 -21.25
N ALA A 71 21.89 5.32 -20.68
CA ALA A 71 20.61 5.94 -20.26
C ALA A 71 19.76 6.39 -21.47
N VAL A 72 18.44 6.24 -21.38
CA VAL A 72 17.51 6.50 -22.47
C VAL A 72 16.38 7.40 -21.98
N VAL A 73 15.96 8.38 -22.80
CA VAL A 73 14.74 9.14 -22.58
C VAL A 73 13.63 8.38 -23.30
N LEU A 74 12.55 8.08 -22.60
CA LEU A 74 11.42 7.33 -23.17
C LEU A 74 10.38 8.28 -23.75
N ASN A 75 9.53 7.75 -24.61
CA ASN A 75 8.45 8.50 -25.23
C ASN A 75 7.34 8.74 -24.21
N SER A 76 6.67 9.88 -24.37
CA SER A 76 5.41 10.22 -23.67
C SER A 76 4.83 11.51 -24.25
N LYS A 77 3.59 11.79 -23.89
CA LYS A 77 2.89 12.99 -24.38
C LYS A 77 3.44 14.26 -23.70
N ASP A 78 3.42 14.24 -22.37
CA ASP A 78 3.66 15.43 -21.52
C ASP A 78 5.06 15.44 -20.89
N LYS A 79 5.29 14.47 -20.01
CA LYS A 79 6.43 14.50 -19.09
C LYS A 79 7.70 13.95 -19.73
N ALA A 80 8.81 13.90 -18.97
CA ALA A 80 10.09 13.34 -19.41
C ALA A 80 10.51 12.08 -18.64
N PRO A 81 9.87 10.92 -18.92
CA PRO A 81 10.32 9.65 -18.30
C PRO A 81 11.62 9.18 -18.91
N TYR A 82 12.56 8.72 -18.10
CA TYR A 82 13.86 8.24 -18.56
C TYR A 82 14.36 6.98 -17.83
N LEU A 83 14.97 6.07 -18.60
CA LEU A 83 15.50 4.81 -18.12
C LEU A 83 16.98 5.00 -17.84
N ILE A 84 17.42 4.47 -16.69
CA ILE A 84 18.86 4.40 -16.36
C ILE A 84 19.24 3.02 -15.93
N TYR A 85 20.55 2.75 -16.05
CA TYR A 85 21.17 1.55 -15.59
C TYR A 85 22.16 1.97 -14.50
N VAL A 86 21.82 1.68 -13.25
CA VAL A 86 22.64 2.04 -12.08
C VAL A 86 23.55 0.87 -11.69
N GLU A 87 24.86 1.14 -11.62
CA GLU A 87 25.83 0.18 -11.08
C GLU A 87 25.96 0.32 -9.56
N VAL A 88 25.92 -0.82 -8.85
CA VAL A 88 26.00 -0.87 -7.39
C VAL A 88 26.97 -1.98 -6.97
N LEU A 89 27.75 -1.74 -5.90
CA LEU A 89 28.48 -2.81 -5.19
C LEU A 89 27.64 -3.24 -4.02
N GLU A 90 27.25 -4.53 -3.98
CA GLU A 90 26.52 -5.15 -2.87
C GLU A 90 27.37 -5.17 -1.60
N CYS A 91 26.72 -5.00 -0.45
CA CYS A 91 27.39 -5.03 0.88
C CYS A 91 26.61 -5.86 1.89
N GLU A 92 27.26 -6.14 3.02
CA GLU A 92 26.69 -6.93 4.12
C GLU A 92 25.65 -6.15 4.89
N ASN A 93 25.98 -4.91 5.26
CA ASN A 93 25.02 -3.93 5.78
C ASN A 93 25.28 -2.53 5.21
N PHE A 94 24.21 -1.77 5.00
CA PHE A 94 24.26 -0.42 4.39
C PHE A 94 24.98 0.57 5.30
N ASP A 95 24.52 0.62 6.55
CA ASP A 95 25.00 1.59 7.51
C ASP A 95 26.43 1.31 8.01
N THR A 96 26.78 0.04 8.21
CA THR A 96 28.09 -0.33 8.80
C THR A 96 29.22 -0.50 7.80
N THR A 97 28.93 -1.00 6.60
CA THR A 97 29.97 -1.26 5.61
C THR A 97 30.47 0.07 5.06
N SER A 98 31.80 0.21 5.00
CA SER A 98 32.44 1.43 4.49
C SER A 98 32.06 1.67 3.04
N VAL A 99 31.92 2.95 2.67
CA VAL A 99 31.69 3.37 1.28
C VAL A 99 32.94 3.02 0.46
N PRO A 100 32.78 2.33 -0.68
CA PRO A 100 33.91 1.97 -1.54
C PRO A 100 34.77 3.14 -1.98
N ALA A 101 36.09 2.91 -2.06
CA ALA A 101 36.98 3.86 -2.73
C ALA A 101 36.61 4.01 -4.21
N ARG A 102 36.85 5.21 -4.73
CA ARG A 102 36.56 5.57 -6.09
C ARG A 102 37.71 5.04 -6.95
N ILE A 103 37.37 4.26 -7.97
CA ILE A 103 38.32 3.78 -8.99
C ILE A 103 38.17 4.74 -10.17
N PRO A 104 39.26 5.42 -10.60
CA PRO A 104 39.19 6.31 -11.78
C PRO A 104 38.71 5.69 -13.10
N GLU A 105 38.28 6.55 -14.02
CA GLU A 105 37.96 6.20 -15.41
C GLU A 105 39.24 6.09 -16.24
N ASN A 106 39.08 5.74 -17.52
CA ASN A 106 40.16 5.80 -18.52
C ASN A 106 40.39 7.24 -19.00
N GLU A 123 17.92 -4.82 -27.03
CA GLU A 123 19.04 -5.66 -26.63
C GLU A 123 18.67 -6.58 -25.42
N PRO A 124 19.19 -7.83 -25.36
CA PRO A 124 18.96 -8.63 -24.15
C PRO A 124 19.72 -8.10 -22.93
N TRP A 125 19.24 -8.51 -21.75
CA TRP A 125 19.81 -8.17 -20.45
C TRP A 125 21.25 -8.66 -20.24
N GLN A 126 21.55 -9.91 -20.57
CA GLN A 126 22.91 -10.49 -20.42
C GLN A 126 23.97 -9.74 -21.23
N GLU A 127 23.60 -9.33 -22.45
CA GLU A 127 24.49 -8.51 -23.31
C GLU A 127 24.65 -7.11 -22.74
N LYS A 128 23.54 -6.50 -22.35
CA LYS A 128 23.54 -5.19 -21.66
C LYS A 128 24.45 -5.22 -20.41
N VAL A 129 24.32 -6.27 -19.59
CA VAL A 129 25.16 -6.47 -18.39
C VAL A 129 26.63 -6.67 -18.75
N ARG A 130 26.91 -7.59 -19.68
CA ARG A 130 28.29 -7.89 -20.14
C ARG A 130 29.02 -6.66 -20.66
N ARG A 131 28.36 -5.93 -21.55
CA ARG A 131 28.96 -4.75 -22.20
C ARG A 131 29.27 -3.61 -21.23
N ILE A 132 28.36 -3.35 -20.29
CA ILE A 132 28.56 -2.34 -19.24
C ILE A 132 29.63 -2.78 -18.22
N ARG A 133 29.59 -4.05 -17.79
CA ARG A 133 30.59 -4.64 -16.88
C ARG A 133 32.01 -4.55 -17.43
N GLU A 134 32.20 -4.98 -18.68
CA GLU A 134 33.50 -4.89 -19.39
C GLU A 134 34.04 -3.45 -19.52
N GLY A 135 33.15 -2.50 -19.75
CA GLY A 135 33.47 -1.07 -19.78
C GLY A 135 33.60 -0.34 -18.44
N SER A 136 33.08 -0.92 -17.36
CA SER A 136 33.08 -0.30 -16.04
C SER A 136 34.43 -0.46 -15.32
N PRO A 137 34.91 0.59 -14.59
CA PRO A 137 36.04 0.39 -13.67
C PRO A 137 35.71 -0.42 -12.41
N TYR A 138 34.43 -0.53 -12.06
CA TYR A 138 33.94 -1.38 -10.97
C TYR A 138 33.53 -2.81 -11.37
N GLY A 139 33.47 -3.12 -12.68
CA GLY A 139 32.89 -4.38 -13.18
C GLY A 139 33.57 -5.68 -12.82
N HIS A 140 34.89 -5.61 -12.64
CA HIS A 140 35.73 -6.74 -12.18
C HIS A 140 35.43 -7.27 -10.76
N LEU A 141 34.84 -6.45 -9.89
CA LEU A 141 34.62 -6.80 -8.48
C LEU A 141 33.50 -7.83 -8.32
N PRO A 142 33.63 -8.79 -7.34
CA PRO A 142 32.64 -9.87 -7.18
C PRO A 142 31.24 -9.41 -6.77
N ASN A 143 31.20 -8.42 -5.87
CA ASN A 143 29.94 -7.74 -5.47
C ASN A 143 29.30 -6.76 -6.49
N TRP A 144 29.88 -6.59 -7.67
CA TRP A 144 29.29 -5.76 -8.74
C TRP A 144 27.95 -6.29 -9.25
N ARG A 145 26.95 -5.43 -9.22
CA ARG A 145 25.59 -5.71 -9.70
C ARG A 145 25.05 -4.51 -10.51
N LEU A 146 24.17 -4.79 -11.46
CA LEU A 146 23.55 -3.77 -12.29
C LEU A 146 22.05 -3.81 -12.03
N LEU A 147 21.49 -2.63 -11.77
CA LEU A 147 20.06 -2.42 -11.61
C LEU A 147 19.64 -1.43 -12.69
N SER A 148 18.36 -1.48 -12.98
CA SER A 148 17.75 -0.71 -14.04
C SER A 148 16.43 -0.19 -13.51
N VAL A 149 16.21 1.12 -13.70
CA VAL A 149 15.00 1.77 -13.25
C VAL A 149 14.56 2.83 -14.27
N ILE A 150 13.23 2.98 -14.40
CA ILE A 150 12.57 4.08 -15.11
C ILE A 150 12.15 5.13 -14.08
N VAL A 151 12.54 6.38 -14.33
CA VAL A 151 12.31 7.49 -13.41
C VAL A 151 11.17 8.34 -13.99
N LYS A 152 10.09 8.50 -13.22
CA LYS A 152 8.93 9.27 -13.62
C LYS A 152 8.79 10.42 -12.63
N CYS A 153 8.91 11.66 -13.15
CA CYS A 153 8.70 12.91 -12.41
C CYS A 153 7.57 13.73 -13.04
N GLY A 154 6.69 14.23 -12.16
CA GLY A 154 5.44 14.87 -12.56
C GLY A 154 4.22 14.00 -12.29
N ASP A 155 4.29 12.73 -12.68
CA ASP A 155 3.16 11.80 -12.59
C ASP A 155 2.99 11.21 -11.19
N ASP A 156 1.74 10.89 -10.86
CA ASP A 156 1.35 10.31 -9.56
C ASP A 156 1.22 8.80 -9.71
N LEU A 157 2.17 8.06 -9.12
CA LEU A 157 2.25 6.60 -9.27
C LEU A 157 1.50 5.77 -8.24
N ARG A 158 0.67 6.42 -7.41
CA ARG A 158 -0.24 5.69 -6.51
C ARG A 158 -1.29 4.89 -7.25
N GLN A 159 -1.70 5.40 -8.40
CA GLN A 159 -2.55 4.69 -9.38
C GLN A 159 -1.89 3.41 -9.88
N GLU A 160 -0.66 3.54 -10.40
CA GLU A 160 0.18 2.39 -10.79
C GLU A 160 0.37 1.38 -9.64
N LEU A 161 0.63 1.89 -8.43
CA LEU A 161 0.91 1.06 -7.25
C LEU A 161 -0.27 0.24 -6.77
N LEU A 162 -1.45 0.84 -6.83
CA LEU A 162 -2.72 0.11 -6.64
C LEU A 162 -2.90 -1.00 -7.67
N ALA A 163 -2.59 -0.69 -8.93
CA ALA A 163 -2.73 -1.65 -10.04
C ALA A 163 -1.76 -2.84 -9.89
N PHE A 164 -0.50 -2.54 -9.56
CA PHE A 164 0.54 -3.51 -9.15
C PHE A 164 0.08 -4.50 -8.07
N GLN A 165 -0.66 -4.00 -7.09
CA GLN A 165 -1.14 -4.83 -6.00
C GLN A 165 -2.29 -5.71 -6.41
N VAL A 166 -3.21 -5.15 -7.19
CA VAL A 166 -4.31 -5.92 -7.81
C VAL A 166 -3.77 -6.99 -8.77
N LEU A 167 -2.71 -6.68 -9.51
CA LEU A 167 -2.05 -7.64 -10.41
C LEU A 167 -1.43 -8.82 -9.67
N LYS A 168 -0.67 -8.51 -8.60
CA LYS A 168 -0.11 -9.56 -7.70
C LYS A 168 -1.22 -10.48 -7.18
N GLN A 169 -2.32 -9.87 -6.74
CA GLN A 169 -3.46 -10.60 -6.21
C GLN A 169 -4.17 -11.48 -7.24
N LEU A 170 -4.43 -10.94 -8.42
CA LEU A 170 -5.08 -11.69 -9.53
C LEU A 170 -4.23 -12.86 -10.03
N GLN A 171 -2.93 -12.63 -10.20
CA GLN A 171 -1.91 -13.65 -10.59
C GLN A 171 -1.99 -14.93 -9.77
N SER A 172 -2.05 -14.76 -8.45
CA SER A 172 -2.15 -15.87 -7.49
C SER A 172 -3.55 -16.45 -7.32
N ILE A 173 -4.59 -15.65 -7.57
CA ILE A 173 -5.98 -16.16 -7.72
C ILE A 173 -6.08 -17.14 -8.92
N TRP A 174 -5.42 -16.78 -10.03
CA TRP A 174 -5.35 -17.67 -11.19
C TRP A 174 -4.35 -18.81 -11.03
N GLU A 175 -3.29 -18.61 -10.24
CA GLU A 175 -2.38 -19.70 -9.88
C GLU A 175 -3.08 -20.78 -9.02
N GLN A 176 -3.84 -20.33 -8.01
CA GLN A 176 -4.56 -21.23 -7.08
C GLN A 176 -5.65 -22.07 -7.76
N GLU A 177 -6.44 -21.46 -8.64
CA GLU A 177 -7.48 -22.17 -9.42
C GLU A 177 -6.97 -22.79 -10.76
N ARG A 178 -5.65 -22.98 -10.89
CA ARG A 178 -5.02 -23.72 -11.99
C ARG A 178 -5.16 -23.12 -13.39
N VAL A 179 -5.61 -21.86 -13.51
CA VAL A 179 -5.94 -21.22 -14.79
C VAL A 179 -4.64 -20.57 -15.30
N PRO A 180 -4.19 -20.91 -16.55
CA PRO A 180 -2.90 -20.41 -17.05
C PRO A 180 -2.97 -19.06 -17.79
N LEU A 181 -3.72 -18.10 -17.23
CA LEU A 181 -3.57 -16.68 -17.58
C LEU A 181 -2.20 -16.18 -17.13
N TRP A 182 -1.75 -15.10 -17.78
CA TRP A 182 -0.40 -14.59 -17.62
C TRP A 182 -0.46 -13.06 -17.57
N ILE A 183 0.09 -12.48 -16.49
CA ILE A 183 0.32 -11.04 -16.37
C ILE A 183 1.70 -10.84 -15.71
N LYS A 184 2.36 -9.71 -16.02
CA LYS A 184 3.66 -9.34 -15.45
C LYS A 184 3.42 -8.07 -14.62
N PRO A 185 3.16 -8.24 -13.30
CA PRO A 185 3.27 -7.06 -12.42
C PRO A 185 4.72 -6.56 -12.38
N TYR A 186 4.90 -5.25 -12.40
CA TYR A 186 6.23 -4.61 -12.34
C TYR A 186 6.24 -3.64 -11.15
N LYS A 187 7.34 -3.63 -10.39
CA LYS A 187 7.46 -2.88 -9.13
C LYS A 187 7.39 -1.35 -9.30
N ILE A 188 6.50 -0.75 -8.51
CA ILE A 188 6.29 0.68 -8.41
C ILE A 188 6.85 1.12 -7.06
N LEU A 189 7.38 2.33 -7.04
CA LEU A 189 7.99 2.91 -5.87
C LEU A 189 7.60 4.39 -5.85
N VAL A 190 6.68 4.76 -4.96
CA VAL A 190 6.18 6.13 -4.83
C VAL A 190 7.15 6.88 -3.93
N ILE A 191 7.88 7.84 -4.49
CA ILE A 191 8.82 8.71 -3.78
C ILE A 191 8.11 9.94 -3.23
N SER A 192 7.24 10.55 -4.04
CA SER A 192 6.38 11.67 -3.61
C SER A 192 5.03 11.64 -4.33
N ALA A 193 4.18 12.63 -4.03
CA ALA A 193 2.87 12.78 -4.69
C ALA A 193 2.93 12.96 -6.23
N ASP A 194 4.02 13.58 -6.72
CA ASP A 194 4.24 13.81 -8.14
C ASP A 194 5.54 13.19 -8.70
N SER A 195 6.04 12.11 -8.09
CA SER A 195 7.25 11.44 -8.57
C SER A 195 7.41 10.01 -8.05
N GLY A 196 8.18 9.22 -8.78
CA GLY A 196 8.47 7.86 -8.41
C GLY A 196 9.30 7.07 -9.41
N MET A 197 9.32 5.77 -9.23
CA MET A 197 10.17 4.87 -9.98
C MET A 197 9.42 3.60 -10.39
N ILE A 198 9.70 3.15 -11.62
CA ILE A 198 9.16 1.93 -12.18
C ILE A 198 10.37 1.11 -12.58
N GLU A 199 10.25 -0.17 -12.24
CA GLU A 199 11.25 -1.17 -12.61
C GLU A 199 10.83 -1.66 -13.99
N PRO A 200 11.72 -1.56 -15.00
CA PRO A 200 11.32 -1.88 -16.40
C PRO A 200 11.18 -3.40 -16.67
N VAL A 201 10.40 -3.75 -17.70
CA VAL A 201 10.32 -5.12 -18.23
C VAL A 201 11.46 -5.32 -19.25
N VAL A 202 12.34 -6.29 -18.98
CA VAL A 202 13.69 -6.30 -19.64
C VAL A 202 13.78 -6.77 -21.06
N ASN A 203 12.91 -7.72 -21.39
CA ASN A 203 13.01 -8.47 -22.64
C ASN A 203 11.88 -8.00 -23.55
N ALA A 204 11.60 -6.69 -23.56
CA ALA A 204 10.31 -6.16 -24.03
C ALA A 204 10.38 -4.75 -24.59
N VAL A 205 9.61 -4.53 -25.65
CA VAL A 205 9.55 -3.28 -26.39
C VAL A 205 8.05 -3.01 -26.69
N SER A 206 7.68 -1.74 -26.89
CA SER A 206 6.30 -1.37 -27.22
C SER A 206 5.82 -1.95 -28.57
N ILE A 207 4.53 -2.30 -28.66
CA ILE A 207 3.90 -2.77 -29.91
C ILE A 207 4.05 -1.77 -31.06
N HIS A 208 3.95 -0.47 -30.72
CA HIS A 208 4.30 0.62 -31.62
C HIS A 208 5.69 0.48 -32.25
N GLN A 209 6.69 0.25 -31.42
CA GLN A 209 8.09 0.13 -31.86
C GLN A 209 8.34 -1.11 -32.72
N VAL A 210 7.71 -2.24 -32.34
CA VAL A 210 7.80 -3.50 -33.08
C VAL A 210 7.31 -3.29 -34.53
N LYS A 211 6.13 -2.67 -34.64
CA LYS A 211 5.54 -2.31 -35.93
C LYS A 211 6.37 -1.29 -36.70
N LYS A 212 6.87 -0.25 -36.02
CA LYS A 212 7.75 0.77 -36.64
C LYS A 212 9.06 0.18 -37.19
N GLN A 213 9.76 -0.61 -36.37
CA GLN A 213 11.05 -1.23 -36.75
C GLN A 213 10.93 -2.37 -37.79
N SER A 214 9.97 -3.27 -37.61
CA SER A 214 9.75 -4.40 -38.53
C SER A 214 9.12 -4.06 -39.88
N GLN A 215 8.24 -3.05 -39.89
CA GLN A 215 7.28 -2.79 -40.97
C GLN A 215 6.37 -3.98 -41.31
N LEU A 216 5.95 -4.71 -40.28
CA LEU A 216 5.16 -5.94 -40.42
C LEU A 216 3.92 -5.89 -39.54
N SER A 217 2.90 -6.68 -39.91
CA SER A 217 1.83 -7.05 -39.01
C SER A 217 2.41 -7.88 -37.86
N LEU A 218 1.62 -7.99 -36.81
CA LEU A 218 2.03 -8.67 -35.59
C LEU A 218 2.18 -10.17 -35.88
N LEU A 219 1.23 -10.71 -36.68
CA LEU A 219 1.32 -12.08 -37.21
C LEU A 219 2.61 -12.31 -38.00
N ASP A 220 2.89 -11.44 -38.95
CA ASP A 220 4.13 -11.52 -39.73
C ASP A 220 5.39 -11.41 -38.87
N TYR A 221 5.37 -10.52 -37.86
CA TYR A 221 6.46 -10.40 -36.87
C TYR A 221 6.69 -11.73 -36.12
N PHE A 222 5.60 -12.34 -35.63
CA PHE A 222 5.67 -13.67 -35.00
C PHE A 222 6.27 -14.72 -35.93
N LEU A 223 5.70 -14.82 -37.14
CA LEU A 223 6.16 -15.79 -38.15
C LEU A 223 7.63 -15.62 -38.54
N GLN A 224 8.09 -14.37 -38.68
CA GLN A 224 9.49 -14.06 -38.93
C GLN A 224 10.41 -14.29 -37.72
N GLU A 225 10.00 -13.81 -36.54
CA GLU A 225 10.87 -13.83 -35.36
C GLU A 225 10.94 -15.21 -34.66
N HIS A 226 9.79 -15.89 -34.57
CA HIS A 226 9.68 -17.19 -33.89
C HIS A 226 9.75 -18.33 -34.86
N GLY A 227 8.88 -18.30 -35.87
CA GLY A 227 8.78 -19.37 -36.88
C GLY A 227 7.36 -19.58 -37.37
N SER A 228 7.19 -20.55 -38.25
CA SER A 228 5.96 -20.68 -39.01
C SER A 228 4.84 -21.40 -38.25
N TYR A 229 3.64 -21.37 -38.85
CA TYR A 229 2.36 -21.79 -38.23
C TYR A 229 2.41 -23.10 -37.44
N THR A 230 3.13 -24.08 -37.97
CA THR A 230 3.29 -25.44 -37.38
C THR A 230 4.53 -25.66 -36.50
N THR A 231 5.42 -24.67 -36.39
CA THR A 231 6.60 -24.74 -35.50
C THR A 231 6.18 -24.56 -34.03
N GLU A 232 6.93 -25.19 -33.13
CA GLU A 232 6.69 -25.08 -31.68
C GLU A 232 6.93 -23.65 -31.19
N ALA A 233 7.97 -23.00 -31.75
CA ALA A 233 8.30 -21.60 -31.47
C ALA A 233 7.11 -20.68 -31.67
N PHE A 234 6.43 -20.82 -32.82
CA PHE A 234 5.22 -20.04 -33.12
C PHE A 234 4.09 -20.37 -32.15
N LEU A 235 3.73 -21.66 -32.11
CA LEU A 235 2.58 -22.14 -31.32
C LEU A 235 2.68 -21.80 -29.84
N SER A 236 3.91 -21.89 -29.30
CA SER A 236 4.22 -21.48 -27.91
C SER A 236 4.15 -19.96 -27.69
N ALA A 237 4.68 -19.20 -28.65
CA ALA A 237 4.60 -17.72 -28.67
C ALA A 237 3.19 -17.21 -28.82
N GLN A 238 2.43 -17.84 -29.72
CA GLN A 238 0.99 -17.65 -29.87
C GLN A 238 0.19 -18.03 -28.62
N ARG A 239 0.58 -19.12 -27.95
CA ARG A 239 -0.03 -19.53 -26.67
C ARG A 239 0.17 -18.45 -25.59
N ASN A 240 1.41 -17.97 -25.48
CA ASN A 240 1.78 -16.85 -24.60
C ASN A 240 1.01 -15.55 -24.89
N PHE A 241 0.91 -15.20 -26.17
CA PHE A 241 0.11 -14.06 -26.65
C PHE A 241 -1.35 -14.14 -26.21
N VAL A 242 -1.98 -15.30 -26.48
CA VAL A 242 -3.38 -15.56 -26.11
C VAL A 242 -3.62 -15.42 -24.61
N GLN A 243 -2.79 -16.11 -23.84
CA GLN A 243 -2.88 -16.14 -22.37
C GLN A 243 -2.68 -14.77 -21.72
N SER A 244 -1.71 -14.00 -22.24
CA SER A 244 -1.50 -12.62 -21.81
C SER A 244 -2.61 -11.65 -22.23
N CYS A 245 -3.18 -11.79 -23.43
CA CYS A 245 -4.33 -10.95 -23.86
C CYS A 245 -5.54 -11.15 -22.97
N ALA A 246 -5.94 -12.41 -22.82
CA ALA A 246 -7.05 -12.82 -21.94
C ALA A 246 -6.86 -12.36 -20.50
N GLY A 247 -5.61 -12.41 -20.03
CA GLY A 247 -5.24 -11.96 -18.69
C GLY A 247 -5.47 -10.48 -18.54
N TYR A 248 -4.82 -9.70 -19.39
CA TYR A 248 -4.96 -8.25 -19.40
C TYR A 248 -6.31 -7.72 -19.85
N CYS A 249 -7.11 -8.52 -20.55
CA CYS A 249 -8.49 -8.12 -20.89
C CYS A 249 -9.35 -8.00 -19.62
N LEU A 250 -9.27 -9.03 -18.78
CA LEU A 250 -9.95 -9.05 -17.47
C LEU A 250 -9.41 -7.97 -16.52
N VAL A 251 -8.10 -7.77 -16.53
CA VAL A 251 -7.46 -6.69 -15.75
C VAL A 251 -8.10 -5.36 -16.19
N CYS A 252 -8.06 -5.06 -17.48
CA CYS A 252 -8.66 -3.84 -18.04
C CYS A 252 -10.15 -3.63 -17.75
N TYR A 253 -10.93 -4.71 -17.73
CA TYR A 253 -12.37 -4.61 -17.39
C TYR A 253 -12.58 -4.30 -15.91
N LEU A 254 -11.98 -5.12 -15.06
CA LEU A 254 -12.17 -5.03 -13.61
C LEU A 254 -11.67 -3.72 -13.05
N LEU A 255 -10.44 -3.35 -13.41
CA LEU A 255 -9.87 -2.05 -13.01
C LEU A 255 -10.31 -0.82 -13.82
N GLN A 256 -11.05 -1.00 -14.91
CA GLN A 256 -11.50 0.09 -15.81
C GLN A 256 -10.33 0.94 -16.33
N VAL A 257 -9.37 0.24 -16.92
CA VAL A 257 -8.10 0.82 -17.38
C VAL A 257 -8.41 1.57 -18.67
N LYS A 258 -8.14 2.88 -18.67
CA LYS A 258 -8.22 3.71 -19.88
C LYS A 258 -6.80 3.93 -20.45
N ASP A 259 -6.70 4.76 -21.49
CA ASP A 259 -5.44 5.14 -22.15
C ASP A 259 -4.70 3.92 -22.78
N ARG A 260 -5.48 3.04 -23.43
CA ARG A 260 -4.94 1.81 -24.00
C ARG A 260 -4.59 2.03 -25.48
N HIS A 261 -3.29 2.01 -25.76
CA HIS A 261 -2.75 2.17 -27.12
C HIS A 261 -1.45 1.41 -27.25
N ASN A 262 -0.95 1.25 -28.47
CA ASN A 262 0.25 0.43 -28.72
C ASN A 262 1.55 0.98 -28.16
N GLY A 263 1.56 2.25 -27.78
CA GLY A 263 2.55 2.83 -26.87
C GLY A 263 2.55 2.30 -25.43
N ASN A 264 1.37 1.96 -24.90
CA ASN A 264 1.17 1.43 -23.54
C ASN A 264 1.00 -0.13 -23.45
N ILE A 265 1.26 -0.86 -24.56
CA ILE A 265 1.24 -2.35 -24.57
C ILE A 265 2.59 -2.82 -25.11
N LEU A 266 3.34 -3.57 -24.32
CA LEU A 266 4.64 -4.08 -24.71
C LEU A 266 4.47 -5.49 -25.23
N LEU A 267 5.43 -5.95 -26.03
CA LEU A 267 5.55 -7.34 -26.46
C LEU A 267 6.92 -7.80 -26.05
N ASP A 268 6.99 -8.96 -25.37
CA ASP A 268 8.27 -9.53 -24.89
C ASP A 268 8.83 -10.59 -25.84
N ALA A 269 10.07 -11.01 -25.59
CA ALA A 269 10.78 -12.01 -26.42
C ALA A 269 10.10 -13.38 -26.51
N GLU A 270 9.30 -13.75 -25.52
CA GLU A 270 8.51 -14.99 -25.54
C GLU A 270 7.14 -14.89 -26.22
N GLY A 271 6.70 -13.69 -26.60
CA GLY A 271 5.38 -13.48 -27.22
C GLY A 271 4.22 -13.07 -26.31
N HIS A 272 4.46 -12.85 -25.03
CA HIS A 272 3.45 -12.23 -24.14
C HIS A 272 3.29 -10.76 -24.50
N ILE A 273 2.07 -10.24 -24.34
CA ILE A 273 1.84 -8.80 -24.19
C ILE A 273 1.91 -8.38 -22.70
N ILE A 274 2.40 -7.17 -22.45
CA ILE A 274 2.43 -6.57 -21.12
C ILE A 274 1.80 -5.19 -21.22
N HIS A 275 0.62 -5.03 -20.64
CA HIS A 275 0.06 -3.71 -20.38
C HIS A 275 0.88 -2.95 -19.32
N ILE A 276 1.05 -1.66 -19.55
CA ILE A 276 1.76 -0.76 -18.65
C ILE A 276 0.94 0.51 -18.46
N ASP A 277 1.43 1.34 -17.55
CA ASP A 277 0.90 2.68 -17.33
C ASP A 277 -0.56 2.65 -16.89
N PHE A 278 -0.79 2.06 -15.73
CA PHE A 278 -2.10 2.06 -15.05
C PHE A 278 -2.37 3.34 -14.24
N GLY A 279 -2.09 4.52 -14.81
CA GLY A 279 -2.43 5.82 -14.24
C GLY A 279 -3.88 6.25 -14.31
N PHE A 280 -4.61 5.78 -15.32
CA PHE A 280 -6.05 6.05 -15.47
C PHE A 280 -6.85 4.78 -15.21
N ILE A 281 -7.28 4.59 -13.96
CA ILE A 281 -8.13 3.45 -13.54
C ILE A 281 -9.31 3.89 -12.66
N LEU A 282 -10.31 3.03 -12.59
CA LEU A 282 -11.53 3.16 -11.76
C LEU A 282 -12.36 4.41 -12.12
N SER A 283 -12.72 5.29 -11.17
CA SER A 283 -13.53 6.50 -11.49
C SER A 283 -12.73 7.73 -11.98
N SER A 284 -11.47 7.53 -12.39
CA SER A 284 -10.59 8.60 -12.85
C SER A 284 -10.91 8.95 -14.30
N THR A 293 -14.34 5.08 -25.22
CA THR A 293 -13.06 5.43 -25.85
C THR A 293 -11.85 4.97 -25.02
N SER A 294 -10.73 4.70 -25.72
CA SER A 294 -9.42 4.32 -25.13
C SER A 294 -9.38 3.07 -24.19
N ALA A 295 -10.42 2.23 -24.22
CA ALA A 295 -10.51 0.99 -23.44
C ALA A 295 -9.74 -0.13 -24.16
N PHE A 296 -9.73 -1.33 -23.59
CA PHE A 296 -9.09 -2.54 -24.16
C PHE A 296 -9.70 -2.90 -25.53
N LYS A 297 -8.97 -2.55 -26.60
CA LYS A 297 -9.35 -2.86 -27.98
C LYS A 297 -8.68 -4.16 -28.39
N LEU A 298 -9.47 -5.13 -28.83
CA LEU A 298 -8.97 -6.36 -29.47
C LEU A 298 -8.99 -6.15 -31.00
N THR A 299 -7.86 -5.70 -31.54
CA THR A 299 -7.75 -5.33 -32.96
C THR A 299 -7.71 -6.55 -33.89
N THR A 300 -8.00 -6.30 -35.17
CA THR A 300 -7.99 -7.37 -36.18
C THR A 300 -6.63 -8.06 -36.33
N GLU A 301 -5.57 -7.29 -36.13
CA GLU A 301 -4.21 -7.77 -36.13
C GLU A 301 -3.87 -8.61 -34.89
N PHE A 302 -4.46 -8.26 -33.76
CA PHE A 302 -4.46 -9.12 -32.56
C PHE A 302 -5.22 -10.43 -32.83
N VAL A 303 -6.41 -10.33 -33.42
CA VAL A 303 -7.23 -11.51 -33.74
C VAL A 303 -6.54 -12.43 -34.77
N ASP A 304 -5.83 -11.84 -35.74
CA ASP A 304 -5.01 -12.61 -36.69
C ASP A 304 -3.82 -13.33 -36.07
N VAL A 305 -3.26 -12.81 -34.98
CA VAL A 305 -2.23 -13.57 -34.21
C VAL A 305 -2.81 -14.86 -33.60
N MET A 306 -4.12 -14.85 -33.27
CA MET A 306 -4.84 -16.03 -32.75
C MET A 306 -5.51 -16.92 -33.83
N GLY A 307 -5.15 -16.73 -35.11
CA GLY A 307 -5.75 -17.46 -36.23
C GLY A 307 -7.21 -17.14 -36.49
N GLY A 308 -7.59 -15.86 -36.35
CA GLY A 308 -8.93 -15.39 -36.74
C GLY A 308 -10.05 -15.72 -35.78
N LEU A 309 -11.25 -15.25 -36.10
CA LEU A 309 -12.46 -15.43 -35.26
C LEU A 309 -12.96 -16.88 -35.28
N ASP A 310 -13.11 -17.44 -36.49
CA ASP A 310 -13.45 -18.86 -36.68
C ASP A 310 -12.17 -19.70 -36.56
N GLY A 311 -11.68 -19.86 -35.32
CA GLY A 311 -10.38 -20.49 -35.03
C GLY A 311 -10.26 -21.08 -33.63
N ASP A 312 -9.33 -22.03 -33.47
CA ASP A 312 -9.22 -22.82 -32.24
C ASP A 312 -8.65 -22.02 -31.06
N MET A 313 -7.60 -21.25 -31.31
CA MET A 313 -6.96 -20.40 -30.26
C MET A 313 -7.80 -19.19 -29.82
N PHE A 314 -8.68 -18.69 -30.71
CA PHE A 314 -9.67 -17.68 -30.34
C PHE A 314 -10.79 -18.25 -29.46
N ASN A 315 -11.22 -19.48 -29.74
CA ASN A 315 -12.11 -20.22 -28.82
C ASN A 315 -11.45 -20.40 -27.44
N TYR A 316 -10.15 -20.75 -27.45
CA TYR A 316 -9.32 -20.85 -26.24
C TYR A 316 -9.18 -19.50 -25.45
N TYR A 317 -9.04 -18.39 -26.18
CA TYR A 317 -9.03 -17.05 -25.59
C TYR A 317 -10.32 -16.74 -24.83
N LYS A 318 -11.46 -17.02 -25.48
CA LYS A 318 -12.78 -16.86 -24.83
C LYS A 318 -12.95 -17.77 -23.60
N MET A 319 -12.40 -18.99 -23.66
CA MET A 319 -12.40 -19.93 -22.52
C MET A 319 -11.62 -19.39 -21.32
N LEU A 320 -10.40 -18.90 -21.57
CA LEU A 320 -9.54 -18.34 -20.51
C LEU A 320 -10.14 -17.10 -19.80
N MET A 321 -10.86 -16.27 -20.54
CA MET A 321 -11.63 -15.14 -19.97
C MET A 321 -12.76 -15.59 -19.02
N LEU A 322 -13.52 -16.61 -19.43
CA LEU A 322 -14.57 -17.21 -18.58
C LEU A 322 -13.97 -17.87 -17.33
N GLN A 323 -12.94 -18.70 -17.53
CA GLN A 323 -12.22 -19.42 -16.46
C GLN A 323 -11.57 -18.50 -15.41
N GLY A 324 -10.95 -17.42 -15.88
CA GLY A 324 -10.37 -16.39 -14.99
C GLY A 324 -11.37 -15.56 -14.22
N LEU A 325 -12.52 -15.28 -14.83
CA LEU A 325 -13.59 -14.48 -14.22
C LEU A 325 -14.32 -15.20 -13.09
N ILE A 326 -14.61 -16.49 -13.29
CA ILE A 326 -15.15 -17.33 -12.19
C ILE A 326 -14.17 -17.47 -11.02
N ALA A 327 -12.89 -17.63 -11.35
CA ALA A 327 -11.80 -17.63 -10.34
C ALA A 327 -11.68 -16.28 -9.58
N ALA A 328 -11.89 -15.18 -10.31
CA ALA A 328 -11.96 -13.85 -9.73
C ALA A 328 -13.21 -13.60 -8.87
N ARG A 329 -14.36 -14.15 -9.26
CA ARG A 329 -15.62 -14.02 -8.48
C ARG A 329 -15.51 -14.63 -7.08
N LYS A 330 -14.96 -15.84 -7.02
CA LYS A 330 -14.77 -16.58 -5.76
C LYS A 330 -13.82 -15.89 -4.79
N HIS A 331 -12.74 -15.29 -5.32
CA HIS A 331 -11.72 -14.62 -4.51
C HIS A 331 -11.85 -13.08 -4.46
N MET A 332 -13.06 -12.53 -4.65
CA MET A 332 -13.22 -11.08 -4.81
C MET A 332 -12.92 -10.24 -3.55
N ASP A 333 -13.20 -10.80 -2.37
CA ASP A 333 -12.78 -10.20 -1.08
C ASP A 333 -11.27 -9.94 -1.01
N LYS A 334 -10.47 -10.91 -1.47
CA LYS A 334 -9.00 -10.79 -1.51
C LYS A 334 -8.45 -9.65 -2.41
N VAL A 335 -9.20 -9.31 -3.46
CA VAL A 335 -8.89 -8.14 -4.31
C VAL A 335 -9.42 -6.85 -3.68
N VAL A 336 -10.72 -6.84 -3.37
CA VAL A 336 -11.43 -5.67 -2.78
C VAL A 336 -10.77 -5.16 -1.48
N GLN A 337 -10.30 -6.08 -0.65
CA GLN A 337 -9.39 -5.79 0.49
C GLN A 337 -8.24 -4.88 0.06
N ILE A 338 -7.53 -5.29 -0.98
CA ILE A 338 -6.36 -4.56 -1.51
C ILE A 338 -6.72 -3.17 -2.07
N VAL A 339 -7.92 -3.04 -2.64
CA VAL A 339 -8.41 -1.76 -3.16
C VAL A 339 -8.74 -0.83 -1.98
N GLU A 340 -9.55 -1.31 -1.05
CA GLU A 340 -9.92 -0.53 0.14
C GLU A 340 -8.72 -0.07 0.99
N ILE A 341 -7.71 -0.92 1.17
CA ILE A 341 -6.49 -0.58 1.91
C ILE A 341 -5.68 0.60 1.29
N MET A 342 -5.77 0.80 -0.01
CA MET A 342 -5.01 1.85 -0.72
C MET A 342 -5.77 3.15 -0.97
N GLN A 343 -7.10 3.10 -0.86
CA GLN A 343 -7.93 4.30 -0.92
C GLN A 343 -8.12 4.97 0.45
N GLN A 344 -8.28 4.16 1.51
CA GLN A 344 -8.64 4.66 2.84
C GLN A 344 -7.68 5.72 3.44
N GLY A 345 -6.39 5.59 3.17
CA GLY A 345 -5.38 6.62 3.47
C GLY A 345 -4.87 7.38 2.23
N SER A 346 -5.83 7.94 1.49
CA SER A 346 -5.55 8.85 0.37
C SER A 346 -6.75 9.77 0.06
N GLN A 347 -6.49 10.83 -0.70
CA GLN A 347 -7.54 11.56 -1.44
C GLN A 347 -7.15 11.39 -2.92
N LEU A 348 -7.30 10.16 -3.39
CA LEU A 348 -6.92 9.74 -4.77
C LEU A 348 -7.92 10.31 -5.81
N PRO A 349 -7.43 10.61 -7.05
CA PRO A 349 -8.39 10.98 -8.11
C PRO A 349 -9.31 9.86 -8.60
N CYS A 350 -8.83 8.61 -8.69
CA CYS A 350 -9.69 7.48 -9.06
C CYS A 350 -10.82 7.20 -8.07
N PHE A 351 -10.61 7.49 -6.79
CA PHE A 351 -11.63 7.26 -5.76
C PHE A 351 -12.58 8.44 -5.67
N HIS A 352 -13.70 8.31 -6.39
CA HIS A 352 -14.83 9.27 -6.34
C HIS A 352 -15.84 8.83 -5.26
N GLY A 353 -15.35 8.58 -4.05
CA GLY A 353 -16.16 8.04 -2.95
C GLY A 353 -16.43 6.54 -3.07
N SER A 354 -17.40 6.08 -2.28
CA SER A 354 -17.76 4.65 -2.21
C SER A 354 -18.52 4.08 -3.42
N SER A 355 -18.75 4.87 -4.48
CA SER A 355 -19.13 4.36 -5.80
C SER A 355 -18.05 3.47 -6.48
N THR A 356 -16.78 3.73 -6.21
CA THR A 356 -15.64 3.01 -6.79
C THR A 356 -15.60 1.52 -6.41
N ILE A 357 -15.81 1.19 -5.14
CA ILE A 357 -15.92 -0.22 -4.67
C ILE A 357 -17.27 -0.82 -5.12
N ARG A 358 -18.35 -0.02 -5.04
CA ARG A 358 -19.70 -0.44 -5.47
C ARG A 358 -19.72 -0.90 -6.95
N ASN A 359 -19.14 -0.07 -7.82
CA ASN A 359 -18.99 -0.38 -9.25
C ASN A 359 -17.99 -1.50 -9.50
N LEU A 360 -16.89 -1.54 -8.74
CA LEU A 360 -15.92 -2.65 -8.79
C LEU A 360 -16.56 -3.99 -8.45
N LYS A 361 -17.34 -4.02 -7.36
CA LYS A 361 -18.06 -5.21 -6.91
C LYS A 361 -19.04 -5.72 -7.97
N GLU A 362 -19.85 -4.81 -8.51
CA GLU A 362 -20.78 -5.09 -9.62
C GLU A 362 -20.11 -5.69 -10.87
N ARG A 363 -18.87 -5.29 -11.16
CA ARG A 363 -18.08 -5.87 -12.29
C ARG A 363 -17.65 -7.34 -12.13
N PHE A 364 -17.71 -7.88 -10.91
CA PHE A 364 -17.59 -9.33 -10.68
C PHE A 364 -18.88 -10.09 -11.06
N HIS A 365 -20.05 -9.47 -10.92
CA HIS A 365 -21.35 -10.04 -11.35
C HIS A 365 -21.68 -11.36 -10.65
N MET A 366 -21.83 -11.27 -9.33
CA MET A 366 -22.07 -12.43 -8.47
C MET A 366 -23.50 -12.98 -8.60
N SER A 367 -24.47 -12.08 -8.78
CA SER A 367 -25.88 -12.44 -9.05
C SER A 367 -26.11 -13.25 -10.34
N MET A 368 -25.28 -13.04 -11.37
CA MET A 368 -25.35 -13.80 -12.63
C MET A 368 -24.96 -15.27 -12.45
N THR A 369 -25.54 -16.11 -13.32
CA THR A 369 -25.17 -17.52 -13.44
C THR A 369 -23.96 -17.69 -14.37
N GLU A 370 -23.41 -18.91 -14.39
CA GLU A 370 -22.31 -19.26 -15.32
C GLU A 370 -22.73 -19.17 -16.80
N GLU A 371 -23.99 -19.51 -17.12
CA GLU A 371 -24.55 -19.31 -18.46
C GLU A 371 -24.63 -17.83 -18.85
N GLN A 372 -25.14 -16.99 -17.94
CA GLN A 372 -25.16 -15.52 -18.13
C GLN A 372 -23.74 -14.90 -18.16
N LEU A 373 -22.79 -15.50 -17.45
CA LEU A 373 -21.36 -15.14 -17.54
C LEU A 373 -20.70 -15.45 -18.89
N GLN A 374 -21.14 -16.52 -19.57
CA GLN A 374 -20.72 -16.81 -20.95
C GLN A 374 -21.14 -15.68 -21.89
N LEU A 375 -22.43 -15.34 -21.82
CA LEU A 375 -23.01 -14.20 -22.55
C LEU A 375 -22.32 -12.85 -22.24
N LEU A 376 -21.92 -12.66 -20.98
CA LEU A 376 -21.11 -11.50 -20.57
C LEU A 376 -19.74 -11.46 -21.26
N VAL A 377 -19.03 -12.58 -21.22
CA VAL A 377 -17.73 -12.76 -21.92
C VAL A 377 -17.86 -12.52 -23.43
N GLU A 378 -18.88 -13.11 -24.05
CA GLU A 378 -19.15 -12.89 -25.47
C GLU A 378 -19.45 -11.41 -25.78
N GLN A 379 -20.35 -10.80 -25.00
CA GLN A 379 -20.64 -9.33 -25.10
C GLN A 379 -19.41 -8.44 -24.86
N MET A 380 -18.55 -8.86 -23.94
CA MET A 380 -17.28 -8.17 -23.61
C MET A 380 -16.30 -8.19 -24.79
N VAL A 381 -16.13 -9.35 -25.40
CA VAL A 381 -15.27 -9.56 -26.58
C VAL A 381 -15.79 -8.81 -27.82
N ASP A 382 -17.11 -8.85 -28.05
CA ASP A 382 -17.76 -8.04 -29.11
C ASP A 382 -17.51 -6.54 -28.94
N GLY A 383 -17.69 -6.06 -27.71
CA GLY A 383 -17.38 -4.69 -27.32
C GLY A 383 -15.92 -4.29 -27.48
N SER A 384 -15.01 -5.24 -27.20
CA SER A 384 -13.57 -5.03 -27.43
C SER A 384 -13.17 -4.96 -28.92
N MET A 385 -13.93 -5.63 -29.80
CA MET A 385 -13.74 -5.54 -31.26
C MET A 385 -14.55 -4.39 -31.83
N PHE B 13 -10.30 23.60 0.31
CA PHE B 13 -10.64 23.09 1.70
C PHE B 13 -9.54 22.21 2.28
N ILE B 14 -9.27 21.09 1.61
CA ILE B 14 -8.21 20.15 2.00
C ILE B 14 -6.82 20.75 1.75
N LYS B 15 -6.68 21.49 0.64
CA LYS B 15 -5.48 22.32 0.38
C LYS B 15 -5.37 23.51 1.34
N SER B 16 -6.52 24.14 1.64
CA SER B 16 -6.63 25.28 2.57
C SER B 16 -6.21 24.95 4.01
N LEU B 17 -6.80 23.89 4.57
CA LEU B 17 -6.58 23.52 5.99
C LEU B 17 -5.13 23.12 6.32
N MET B 18 -4.45 22.50 5.36
CA MET B 18 -2.99 22.34 5.41
C MET B 18 -2.26 23.68 5.43
N ALA B 19 -2.60 24.58 4.50
CA ALA B 19 -1.95 25.91 4.40
C ALA B 19 -2.13 26.75 5.68
N ILE B 20 -3.36 26.77 6.19
CA ILE B 20 -3.69 27.45 7.46
C ILE B 20 -2.99 26.75 8.62
N LEU B 27 -1.15 32.90 15.60
CA LEU B 27 -1.93 32.62 16.80
C LEU B 27 -1.18 31.65 17.74
N PRO B 28 0.07 32.02 18.12
CA PRO B 28 0.91 31.13 18.94
C PRO B 28 0.43 30.93 20.39
N THR B 29 -0.36 31.86 20.94
CA THR B 29 -0.90 31.72 22.30
C THR B 29 -1.99 30.65 22.38
N HIS B 46 -22.06 27.52 6.63
CA HIS B 46 -22.59 28.40 5.58
C HIS B 46 -22.49 27.74 4.18
N LYS B 47 -21.40 27.01 3.93
CA LYS B 47 -21.21 26.21 2.69
C LYS B 47 -21.79 24.77 2.72
N LEU B 48 -22.21 24.30 3.91
CA LEU B 48 -22.92 23.01 4.11
C LEU B 48 -24.45 23.24 4.15
N PRO B 49 -25.30 22.24 3.83
CA PRO B 49 -24.96 20.87 3.40
C PRO B 49 -24.52 20.80 1.93
N ALA B 50 -23.68 19.82 1.62
CA ALA B 50 -23.01 19.69 0.32
C ALA B 50 -22.78 18.23 -0.08
N ARG B 51 -22.31 18.02 -1.31
CA ARG B 51 -21.95 16.68 -1.84
C ARG B 51 -20.49 16.36 -1.49
N VAL B 52 -20.22 16.27 -0.19
CA VAL B 52 -18.86 16.08 0.36
C VAL B 52 -18.89 15.02 1.46
N TRP B 53 -17.81 14.26 1.52
CA TRP B 53 -17.68 13.09 2.40
C TRP B 53 -16.36 13.23 3.14
N LEU B 54 -16.21 12.38 4.15
CA LEU B 54 -15.00 12.26 4.95
C LEU B 54 -14.76 10.75 5.05
N PRO B 55 -13.60 10.24 4.57
CA PRO B 55 -13.45 8.77 4.52
C PRO B 55 -13.39 8.01 5.87
N THR B 56 -13.27 8.71 7.00
CA THR B 56 -13.36 8.10 8.34
C THR B 56 -14.68 7.38 8.67
N ALA B 57 -15.79 7.76 8.03
CA ALA B 57 -17.10 7.17 8.33
C ALA B 57 -17.29 5.67 8.08
N GLY B 58 -16.93 5.17 6.89
CA GLY B 58 -17.20 3.77 6.49
C GLY B 58 -18.58 3.44 5.93
N PHE B 59 -19.42 4.47 5.74
CA PHE B 59 -20.73 4.41 5.05
C PHE B 59 -20.96 5.67 4.20
N ASP B 60 -21.76 5.55 3.14
CA ASP B 60 -22.07 6.68 2.25
C ASP B 60 -22.90 7.73 2.98
N HIS B 61 -22.54 8.99 2.81
CA HIS B 61 -23.24 10.09 3.47
C HIS B 61 -22.89 11.42 2.83
N HIS B 62 -23.62 12.44 3.25
CA HIS B 62 -23.34 13.84 2.95
C HIS B 62 -23.18 14.61 4.27
N VAL B 63 -22.12 15.41 4.38
CA VAL B 63 -21.87 16.25 5.55
C VAL B 63 -22.87 17.40 5.51
N VAL B 64 -23.65 17.53 6.59
CA VAL B 64 -24.70 18.56 6.70
C VAL B 64 -24.35 19.75 7.60
N ARG B 65 -23.51 19.53 8.62
CA ARG B 65 -23.33 20.53 9.69
C ARG B 65 -22.11 20.21 10.55
N VAL B 66 -21.42 21.26 10.99
CA VAL B 66 -20.27 21.16 11.91
C VAL B 66 -20.57 22.09 13.09
N PRO B 67 -21.08 21.56 14.23
CA PRO B 67 -21.30 22.40 15.42
C PRO B 67 -20.00 23.01 15.99
N HIS B 68 -19.86 24.33 15.81
CA HIS B 68 -18.65 25.07 16.17
C HIS B 68 -18.41 25.19 17.69
N THR B 69 -19.48 25.17 18.51
CA THR B 69 -19.34 25.27 19.97
C THR B 69 -18.68 24.02 20.61
N GLN B 70 -18.92 22.83 20.02
CA GLN B 70 -18.33 21.57 20.51
C GLN B 70 -16.95 21.19 19.95
N ALA B 71 -16.44 21.94 18.97
CA ALA B 71 -15.08 21.74 18.44
C ALA B 71 -14.02 22.23 19.43
N LYS B 79 3.09 21.80 16.94
CA LYS B 79 1.94 22.05 16.07
C LYS B 79 0.60 21.99 16.82
N ALA B 80 -0.48 22.33 16.13
CA ALA B 80 -1.76 22.72 16.75
C ALA B 80 -2.91 21.78 16.34
N PRO B 81 -2.98 20.57 16.95
CA PRO B 81 -4.06 19.64 16.64
C PRO B 81 -5.40 20.10 17.21
N TYR B 82 -6.47 19.99 16.43
CA TYR B 82 -7.81 20.39 16.89
C TYR B 82 -8.93 19.43 16.42
N LEU B 83 -9.89 19.20 17.30
CA LEU B 83 -10.95 18.20 17.14
C LEU B 83 -12.22 18.89 16.67
N ILE B 84 -12.92 18.26 15.73
CA ILE B 84 -14.32 18.64 15.37
C ILE B 84 -15.25 17.44 15.42
N TYR B 85 -16.54 17.74 15.52
CA TYR B 85 -17.61 16.76 15.51
C TYR B 85 -18.46 17.05 14.29
N VAL B 86 -18.37 16.18 13.28
CA VAL B 86 -19.08 16.36 12.00
C VAL B 86 -20.42 15.63 12.01
N GLU B 87 -21.51 16.35 11.73
CA GLU B 87 -22.84 15.77 11.51
C GLU B 87 -23.03 15.39 10.05
N VAL B 88 -23.52 14.16 9.81
CA VAL B 88 -23.74 13.61 8.46
C VAL B 88 -25.12 12.95 8.38
N LEU B 89 -25.80 13.10 7.24
CA LEU B 89 -26.99 12.29 6.91
C LEU B 89 -26.53 11.14 6.03
N GLU B 90 -26.73 9.90 6.49
CA GLU B 90 -26.41 8.68 5.72
C GLU B 90 -27.31 8.54 4.49
N CYS B 91 -26.75 8.02 3.39
CA CYS B 91 -27.48 7.81 2.12
C CYS B 91 -27.21 6.45 1.51
N GLU B 92 -28.02 6.10 0.51
CA GLU B 92 -27.93 4.81 -0.21
C GLU B 92 -26.73 4.76 -1.13
N ASN B 93 -26.56 5.81 -1.93
CA ASN B 93 -25.34 6.05 -2.73
C ASN B 93 -24.94 7.53 -2.70
N PHE B 94 -23.63 7.76 -2.68
CA PHE B 94 -23.05 9.12 -2.63
C PHE B 94 -23.36 9.95 -3.87
N SER B 98 -29.11 12.36 -3.61
CA SER B 98 -29.33 13.81 -3.77
C SER B 98 -28.99 14.56 -2.48
N VAL B 99 -28.34 15.72 -2.63
CA VAL B 99 -27.85 16.52 -1.49
C VAL B 99 -29.07 17.06 -0.75
N PRO B 100 -29.22 16.75 0.57
CA PRO B 100 -30.36 17.32 1.35
C PRO B 100 -30.40 18.85 1.52
N PRO B 124 -19.25 11.44 28.28
CA PRO B 124 -19.48 10.23 27.47
C PRO B 124 -19.97 10.52 26.06
N TRP B 125 -19.81 9.54 25.17
CA TRP B 125 -20.22 9.64 23.76
C TRP B 125 -21.74 9.78 23.56
N GLN B 126 -22.53 8.97 24.25
CA GLN B 126 -24.02 9.02 24.15
C GLN B 126 -24.59 10.38 24.59
N GLU B 127 -24.00 10.97 25.64
CA GLU B 127 -24.39 12.33 26.09
C GLU B 127 -23.96 13.39 25.06
N LYS B 128 -22.73 13.29 24.58
CA LYS B 128 -22.22 14.16 23.50
C LYS B 128 -23.13 14.09 22.25
N VAL B 129 -23.51 12.87 21.85
CA VAL B 129 -24.44 12.64 20.73
C VAL B 129 -25.84 13.21 20.99
N ARG B 130 -26.41 12.90 22.16
CA ARG B 130 -27.75 13.39 22.57
C ARG B 130 -27.84 14.91 22.58
N ARG B 131 -26.87 15.56 23.21
CA ARG B 131 -26.80 17.03 23.35
C ARG B 131 -26.75 17.75 21.98
N ILE B 132 -25.89 17.25 21.09
CA ILE B 132 -25.72 17.80 19.75
C ILE B 132 -26.94 17.52 18.86
N ARG B 133 -27.46 16.28 18.92
CA ARG B 133 -28.68 15.86 18.19
C ARG B 133 -29.89 16.73 18.53
N GLU B 134 -30.15 16.91 19.82
CA GLU B 134 -31.25 17.76 20.31
C GLU B 134 -31.15 19.23 19.90
N GLY B 135 -29.92 19.74 19.88
CA GLY B 135 -29.62 21.10 19.37
C GLY B 135 -29.50 21.28 17.86
N SER B 136 -29.34 20.19 17.11
CA SER B 136 -29.19 20.24 15.64
C SER B 136 -30.54 20.41 14.92
N PRO B 137 -30.59 21.23 13.83
CA PRO B 137 -31.76 21.19 12.94
C PRO B 137 -31.91 19.91 12.09
N TYR B 138 -30.83 19.16 11.93
CA TYR B 138 -30.82 17.85 11.27
C TYR B 138 -31.02 16.63 12.19
N GLY B 139 -30.98 16.82 13.51
CA GLY B 139 -30.95 15.72 14.48
C GLY B 139 -32.18 14.82 14.56
N HIS B 140 -33.35 15.39 14.27
CA HIS B 140 -34.62 14.64 14.17
C HIS B 140 -34.70 13.54 13.09
N LEU B 141 -33.90 13.66 12.03
CA LEU B 141 -33.96 12.76 10.87
C LEU B 141 -33.39 11.37 11.19
N PRO B 142 -33.99 10.29 10.64
CA PRO B 142 -33.57 8.91 10.98
C PRO B 142 -32.14 8.55 10.54
N ASN B 143 -31.75 9.01 9.36
CA ASN B 143 -30.38 8.88 8.83
C ASN B 143 -29.29 9.79 9.47
N TRP B 144 -29.63 10.61 10.46
CA TRP B 144 -28.67 11.44 11.18
C TRP B 144 -27.63 10.62 11.97
N ARG B 145 -26.35 10.89 11.72
CA ARG B 145 -25.19 10.26 12.39
C ARG B 145 -24.13 11.32 12.75
N LEU B 146 -23.37 11.07 13.82
CA LEU B 146 -22.32 11.98 14.28
C LEU B 146 -20.99 11.26 14.19
N LEU B 147 -20.01 11.92 13.60
CA LEU B 147 -18.63 11.44 13.49
C LEU B 147 -17.73 12.50 14.10
N SER B 148 -16.48 12.13 14.36
CA SER B 148 -15.52 12.99 15.06
C SER B 148 -14.16 12.80 14.43
N VAL B 149 -13.45 13.91 14.18
CA VAL B 149 -12.14 13.89 13.51
C VAL B 149 -11.22 14.97 14.12
N ILE B 150 -9.93 14.61 14.24
CA ILE B 150 -8.83 15.46 14.69
C ILE B 150 -8.04 15.89 13.45
N VAL B 151 -7.75 17.18 13.34
CA VAL B 151 -7.00 17.76 12.23
C VAL B 151 -5.55 18.02 12.67
N LYS B 152 -4.60 17.42 11.96
CA LYS B 152 -3.16 17.70 12.12
C LYS B 152 -2.49 18.24 10.84
N CYS B 153 -1.20 18.57 10.95
CA CYS B 153 -0.29 18.91 9.82
C CYS B 153 1.14 19.01 10.33
N GLY B 154 2.11 18.66 9.50
CA GLY B 154 3.54 18.59 9.89
C GLY B 154 4.03 17.16 9.98
N ASP B 155 3.25 16.30 10.66
CA ASP B 155 3.62 14.90 10.90
C ASP B 155 3.32 13.99 9.71
N ASP B 156 4.10 12.90 9.61
CA ASP B 156 3.90 11.85 8.62
C ASP B 156 3.06 10.71 9.21
N LEU B 157 1.81 10.58 8.75
CA LEU B 157 0.86 9.61 9.29
C LEU B 157 0.83 8.24 8.59
N ARG B 158 1.75 7.97 7.68
CA ARG B 158 1.85 6.63 7.04
C ARG B 158 2.20 5.52 8.03
N GLN B 159 3.02 5.90 9.03
CA GLN B 159 3.35 5.03 10.17
C GLN B 159 2.10 4.71 11.00
N GLU B 160 1.37 5.75 11.39
CA GLU B 160 0.06 5.62 12.04
C GLU B 160 -0.92 4.76 11.24
N LEU B 161 -0.99 4.97 9.92
CA LEU B 161 -1.92 4.27 9.02
C LEU B 161 -1.64 2.78 8.89
N LEU B 162 -0.36 2.41 8.82
CA LEU B 162 0.06 1.01 8.93
C LEU B 162 -0.38 0.39 10.26
N ALA B 163 -0.20 1.13 11.35
CA ALA B 163 -0.57 0.66 12.70
C ALA B 163 -2.08 0.48 12.84
N PHE B 164 -2.86 1.44 12.37
CA PHE B 164 -4.33 1.36 12.22
C PHE B 164 -4.82 0.09 11.54
N GLN B 165 -4.11 -0.31 10.48
CA GLN B 165 -4.47 -1.51 9.74
C GLN B 165 -4.13 -2.79 10.48
N VAL B 166 -2.97 -2.82 11.10
CA VAL B 166 -2.57 -3.92 12.01
C VAL B 166 -3.53 -4.03 13.21
N LEU B 167 -3.98 -2.90 13.75
CA LEU B 167 -4.96 -2.87 14.85
C LEU B 167 -6.31 -3.46 14.46
N LYS B 168 -6.83 -3.04 13.29
CA LYS B 168 -8.06 -3.62 12.71
C LYS B 168 -7.94 -5.14 12.57
N GLN B 169 -6.80 -5.58 12.05
CA GLN B 169 -6.51 -7.00 11.85
C GLN B 169 -6.42 -7.81 13.16
N LEU B 170 -5.70 -7.27 14.15
CA LEU B 170 -5.54 -7.92 15.47
C LEU B 170 -6.85 -8.03 16.25
N GLN B 171 -7.64 -6.94 16.23
CA GLN B 171 -8.98 -6.85 16.86
C GLN B 171 -9.90 -8.01 16.49
N SER B 172 -9.96 -8.29 15.18
CA SER B 172 -10.76 -9.37 14.62
C SER B 172 -10.14 -10.77 14.73
N ILE B 173 -8.81 -10.85 14.79
CA ILE B 173 -8.11 -12.10 15.18
C ILE B 173 -8.49 -12.52 16.62
N TRP B 174 -8.55 -11.55 17.52
CA TRP B 174 -9.00 -11.80 18.90
C TRP B 174 -10.52 -11.96 19.02
N GLU B 175 -11.29 -11.30 18.16
CA GLU B 175 -12.74 -11.52 18.08
C GLU B 175 -13.08 -12.96 17.63
N GLN B 176 -12.39 -13.43 16.58
CA GLN B 176 -12.61 -14.77 16.00
C GLN B 176 -12.27 -15.93 16.95
N GLU B 177 -11.13 -15.81 17.66
CA GLU B 177 -10.70 -16.81 18.68
C GLU B 177 -11.26 -16.54 20.10
N ARG B 178 -12.34 -15.75 20.22
CA ARG B 178 -13.11 -15.54 21.45
C ARG B 178 -12.38 -14.86 22.61
N VAL B 179 -11.21 -14.25 22.36
CA VAL B 179 -10.35 -13.70 23.42
C VAL B 179 -10.79 -12.24 23.64
N PRO B 180 -11.15 -11.85 24.89
CA PRO B 180 -11.70 -10.51 25.16
C PRO B 180 -10.63 -9.42 25.46
N LEU B 181 -9.56 -9.40 24.67
CA LEU B 181 -8.68 -8.22 24.57
C LEU B 181 -9.44 -7.07 23.93
N TRP B 182 -8.94 -5.86 24.20
CA TRP B 182 -9.60 -4.62 23.80
C TRP B 182 -8.57 -3.63 23.29
N ILE B 183 -8.76 -3.15 22.06
CA ILE B 183 -8.02 -2.04 21.47
C ILE B 183 -9.00 -1.15 20.69
N LYS B 184 -8.69 0.15 20.61
CA LYS B 184 -9.49 1.14 19.88
C LYS B 184 -8.63 1.63 18.70
N PRO B 185 -8.80 1.00 17.52
CA PRO B 185 -8.25 1.64 16.31
C PRO B 185 -8.97 2.96 16.05
N TYR B 186 -8.19 3.98 15.66
CA TYR B 186 -8.73 5.31 15.34
C TYR B 186 -8.28 5.63 13.90
N LYS B 187 -9.23 6.13 13.09
CA LYS B 187 -9.05 6.25 11.63
C LYS B 187 -8.02 7.29 11.24
N ILE B 188 -7.06 6.88 10.40
CA ILE B 188 -6.02 7.74 9.85
C ILE B 188 -6.36 8.03 8.40
N LEU B 189 -6.00 9.23 7.98
CA LEU B 189 -6.24 9.70 6.64
C LEU B 189 -5.00 10.50 6.23
N VAL B 190 -4.17 9.91 5.36
CA VAL B 190 -2.96 10.55 4.85
C VAL B 190 -3.37 11.42 3.67
N ILE B 191 -3.24 12.74 3.85
CA ILE B 191 -3.48 13.74 2.81
C ILE B 191 -2.19 13.99 1.99
N SER B 192 -1.06 14.12 2.70
CA SER B 192 0.26 14.25 2.06
C SER B 192 1.37 13.61 2.90
N ALA B 193 2.60 13.69 2.42
CA ALA B 193 3.79 13.19 3.16
C ALA B 193 4.02 13.83 4.53
N ASP B 194 3.61 15.09 4.71
CA ASP B 194 3.73 15.81 6.00
C ASP B 194 2.38 16.35 6.53
N SER B 195 1.26 15.71 6.20
CA SER B 195 -0.06 16.13 6.73
C SER B 195 -1.11 15.05 6.64
N GLY B 196 -2.11 15.19 7.51
CA GLY B 196 -3.22 14.26 7.54
C GLY B 196 -4.28 14.56 8.58
N MET B 197 -5.11 13.56 8.84
CA MET B 197 -6.24 13.65 9.79
C MET B 197 -6.32 12.36 10.60
N ILE B 198 -6.71 12.49 11.86
CA ILE B 198 -6.84 11.37 12.83
C ILE B 198 -8.27 11.33 13.35
N GLU B 199 -8.84 10.20 13.77
CA GLU B 199 -10.14 10.21 14.49
C GLU B 199 -9.86 10.51 15.95
N ALA B 204 -12.13 10.64 26.05
CA ALA B 204 -10.82 10.18 26.50
C ALA B 204 -9.80 11.32 26.63
N VAL B 205 -8.94 11.19 27.63
CA VAL B 205 -7.95 12.21 28.02
C VAL B 205 -6.62 11.46 28.30
N SER B 206 -5.50 12.15 28.12
CA SER B 206 -4.17 11.56 28.37
C SER B 206 -3.94 11.21 29.85
N ILE B 207 -3.22 10.11 30.13
CA ILE B 207 -2.86 9.72 31.51
C ILE B 207 -2.11 10.82 32.26
N HIS B 208 -1.25 11.54 31.54
CA HIS B 208 -0.58 12.75 32.02
C HIS B 208 -1.56 13.79 32.56
N GLN B 209 -2.57 14.09 31.75
CA GLN B 209 -3.59 15.10 32.13
C GLN B 209 -4.44 14.68 33.34
N VAL B 210 -4.81 13.40 33.38
CA VAL B 210 -5.60 12.82 34.49
C VAL B 210 -4.84 13.01 35.82
N LYS B 211 -3.56 12.63 35.80
CA LYS B 211 -2.65 12.80 36.94
C LYS B 211 -2.42 14.27 37.30
N LYS B 212 -2.21 15.13 36.30
CA LYS B 212 -2.04 16.59 36.50
C LYS B 212 -3.28 17.26 37.12
N GLN B 213 -4.46 16.99 36.56
CA GLN B 213 -5.74 17.56 37.03
C GLN B 213 -6.22 17.01 38.40
N SER B 214 -6.18 15.69 38.57
CA SER B 214 -6.63 15.02 39.81
C SER B 214 -5.69 15.18 41.02
N GLN B 215 -4.38 15.23 40.75
CA GLN B 215 -3.31 15.00 41.73
C GLN B 215 -3.41 13.66 42.47
N LEU B 216 -3.79 12.62 41.73
CA LEU B 216 -4.02 11.27 42.27
C LEU B 216 -3.26 10.22 41.48
N SER B 217 -2.97 9.09 42.13
CA SER B 217 -2.59 7.86 41.45
C SER B 217 -3.76 7.37 40.62
N LEU B 218 -3.43 6.46 39.72
CA LEU B 218 -4.40 5.91 38.78
C LEU B 218 -5.45 5.10 39.53
N LEU B 219 -4.99 4.32 40.52
CA LEU B 219 -5.85 3.61 41.47
C LEU B 219 -6.82 4.54 42.22
N ASP B 220 -6.27 5.59 42.80
CA ASP B 220 -7.09 6.61 43.46
C ASP B 220 -8.09 7.30 42.53
N TYR B 221 -7.66 7.59 41.29
CA TYR B 221 -8.56 8.12 40.24
C TYR B 221 -9.73 7.18 39.95
N PHE B 222 -9.43 5.89 39.76
CA PHE B 222 -10.47 4.84 39.61
C PHE B 222 -11.43 4.81 40.79
N LEU B 223 -10.87 4.71 42.01
CA LEU B 223 -11.67 4.66 43.25
C LEU B 223 -12.56 5.87 43.45
N GLN B 224 -12.05 7.06 43.14
CA GLN B 224 -12.83 8.30 43.18
C GLN B 224 -13.87 8.41 42.05
N GLU B 225 -13.46 8.13 40.81
CA GLU B 225 -14.33 8.34 39.64
C GLU B 225 -15.40 7.26 39.46
N HIS B 226 -15.02 6.00 39.68
CA HIS B 226 -15.91 4.84 39.49
C HIS B 226 -16.51 4.39 40.82
N TYR B 229 -12.90 -1.92 45.71
CA TYR B 229 -12.64 -3.30 45.25
C TYR B 229 -13.89 -4.12 44.93
N THR B 230 -14.94 -3.98 45.74
CA THR B 230 -16.17 -4.79 45.65
C THR B 230 -17.33 -4.18 44.83
N THR B 231 -17.24 -2.89 44.44
CA THR B 231 -18.29 -2.26 43.63
C THR B 231 -18.18 -2.69 42.16
N GLU B 232 -19.31 -2.78 41.46
CA GLU B 232 -19.34 -3.22 40.06
C GLU B 232 -18.64 -2.21 39.15
N ALA B 233 -18.86 -0.92 39.43
CA ALA B 233 -18.22 0.21 38.75
C ALA B 233 -16.71 0.06 38.70
N PHE B 234 -16.10 -0.22 39.86
CA PHE B 234 -14.66 -0.45 39.95
C PHE B 234 -14.23 -1.68 39.17
N LEU B 235 -14.82 -2.83 39.53
CA LEU B 235 -14.46 -4.14 38.97
C LEU B 235 -14.58 -4.19 37.45
N SER B 236 -15.62 -3.54 36.91
CA SER B 236 -15.83 -3.41 35.45
C SER B 236 -14.80 -2.48 34.78
N ALA B 237 -14.50 -1.35 35.45
CA ALA B 237 -13.48 -0.40 35.00
C ALA B 237 -12.07 -0.99 35.05
N GLN B 238 -11.78 -1.71 36.13
CA GLN B 238 -10.57 -2.53 36.30
C GLN B 238 -10.49 -3.65 35.24
N ARG B 239 -11.61 -4.30 34.92
CA ARG B 239 -11.65 -5.34 33.87
C ARG B 239 -11.27 -4.75 32.50
N ASN B 240 -11.87 -3.59 32.19
CA ASN B 240 -11.54 -2.81 30.98
C ASN B 240 -10.07 -2.38 30.89
N PHE B 241 -9.55 -1.86 32.01
CA PHE B 241 -8.12 -1.52 32.15
C PHE B 241 -7.19 -2.69 31.85
N VAL B 242 -7.45 -3.84 32.50
CA VAL B 242 -6.66 -5.07 32.32
C VAL B 242 -6.64 -5.54 30.87
N GLN B 243 -7.84 -5.63 30.28
CA GLN B 243 -8.04 -6.11 28.91
C GLN B 243 -7.37 -5.20 27.87
N SER B 244 -7.49 -3.89 28.07
CA SER B 244 -6.80 -2.91 27.22
C SER B 244 -5.27 -2.89 27.38
N CYS B 245 -4.75 -3.07 28.60
CA CYS B 245 -3.29 -3.18 28.82
C CYS B 245 -2.68 -4.36 28.11
N ALA B 246 -3.25 -5.54 28.36
CA ALA B 246 -2.85 -6.81 27.72
C ALA B 246 -2.93 -6.73 26.19
N GLY B 247 -3.96 -6.04 25.69
CA GLY B 247 -4.15 -5.83 24.26
C GLY B 247 -3.02 -5.03 23.67
N TYR B 248 -2.83 -3.82 24.22
CA TYR B 248 -1.77 -2.93 23.79
C TYR B 248 -0.33 -3.38 24.13
N CYS B 249 -0.18 -4.30 25.09
CA CYS B 249 1.14 -4.89 25.38
C CYS B 249 1.66 -5.71 24.21
N LEU B 250 0.78 -6.58 23.69
CA LEU B 250 1.06 -7.40 22.50
C LEU B 250 1.26 -6.54 21.25
N VAL B 251 0.43 -5.51 21.10
CA VAL B 251 0.57 -4.53 20.02
C VAL B 251 2.00 -3.95 20.08
N CYS B 252 2.36 -3.40 21.22
CA CYS B 252 3.70 -2.81 21.42
C CYS B 252 4.88 -3.76 21.17
N TYR B 253 4.74 -5.03 21.53
CA TYR B 253 5.80 -6.02 21.28
C TYR B 253 5.95 -6.34 19.79
N LEU B 254 4.82 -6.73 19.19
CA LEU B 254 4.79 -7.18 17.79
C LEU B 254 5.21 -6.09 16.83
N LEU B 255 4.61 -4.91 16.97
CA LEU B 255 4.96 -3.75 16.14
C LEU B 255 6.24 -2.99 16.56
N GLN B 256 6.82 -3.30 17.74
CA GLN B 256 8.00 -2.60 18.28
C GLN B 256 7.76 -1.09 18.42
N VAL B 257 6.67 -0.78 19.11
CA VAL B 257 6.21 0.59 19.29
C VAL B 257 7.14 1.24 20.30
N LYS B 258 7.81 2.33 19.90
CA LYS B 258 8.61 3.17 20.81
C LYS B 258 7.81 4.42 21.21
N ASP B 259 8.45 5.30 21.97
CA ASP B 259 7.88 6.60 22.41
C ASP B 259 6.63 6.44 23.30
N ARG B 260 6.68 5.47 24.22
CA ARG B 260 5.55 5.13 25.09
C ARG B 260 5.70 5.91 26.40
N HIS B 261 4.80 6.86 26.61
CA HIS B 261 4.74 7.68 27.80
C HIS B 261 3.29 8.11 28.05
N ASN B 262 3.02 8.68 29.22
CA ASN B 262 1.67 9.03 29.66
C ASN B 262 1.00 10.14 28.85
N GLY B 263 1.79 10.91 28.11
CA GLY B 263 1.31 11.73 26.99
C GLY B 263 0.70 11.02 25.79
N ASN B 264 1.25 9.84 25.46
CA ASN B 264 0.80 8.97 24.35
C ASN B 264 -0.13 7.79 24.76
N ILE B 265 -0.61 7.74 26.01
CA ILE B 265 -1.59 6.71 26.47
C ILE B 265 -2.78 7.46 27.05
N LEU B 266 -3.95 7.26 26.47
CA LEU B 266 -5.18 7.89 26.92
C LEU B 266 -5.91 6.94 27.86
N LEU B 267 -6.78 7.51 28.70
CA LEU B 267 -7.72 6.75 29.51
C LEU B 267 -9.11 7.25 29.16
N ASP B 268 -10.04 6.33 28.89
CA ASP B 268 -11.43 6.69 28.53
C ASP B 268 -12.37 6.59 29.75
N ALA B 269 -13.60 7.09 29.58
CA ALA B 269 -14.63 7.10 30.63
C ALA B 269 -15.01 5.72 31.21
N GLU B 270 -14.83 4.66 30.42
CA GLU B 270 -15.07 3.28 30.89
C GLU B 270 -13.87 2.61 31.60
N GLY B 271 -12.70 3.23 31.59
CA GLY B 271 -11.48 2.65 32.19
C GLY B 271 -10.53 1.87 31.29
N HIS B 272 -10.78 1.86 29.97
CA HIS B 272 -9.79 1.35 29.00
C HIS B 272 -8.64 2.34 28.88
N ILE B 273 -7.43 1.83 28.64
CA ILE B 273 -6.35 2.62 28.07
C ILE B 273 -6.36 2.56 26.53
N ILE B 274 -5.95 3.66 25.89
CA ILE B 274 -5.81 3.73 24.44
C ILE B 274 -4.42 4.28 24.14
N HIS B 275 -3.55 3.43 23.61
CA HIS B 275 -2.30 3.87 23.01
C HIS B 275 -2.57 4.66 21.70
N ILE B 276 -1.80 5.73 21.51
CA ILE B 276 -1.87 6.59 20.34
C ILE B 276 -0.46 6.87 19.83
N ASP B 277 -0.39 7.55 18.69
CA ASP B 277 0.83 8.05 18.11
C ASP B 277 1.82 6.91 17.79
N PHE B 278 1.39 6.04 16.87
CA PHE B 278 2.25 4.97 16.34
C PHE B 278 3.19 5.42 15.20
N GLY B 279 3.87 6.56 15.37
CA GLY B 279 4.86 7.08 14.43
C GLY B 279 6.23 6.40 14.44
N PHE B 280 6.63 5.86 15.58
CA PHE B 280 7.88 5.10 15.74
C PHE B 280 7.55 3.60 15.94
N ILE B 281 7.52 2.86 14.84
CA ILE B 281 7.34 1.39 14.83
C ILE B 281 8.36 0.67 13.94
N LEU B 282 8.55 -0.63 14.20
CA LEU B 282 9.38 -1.53 13.36
C LEU B 282 10.81 -1.05 12.97
N ALA B 295 9.99 1.42 25.25
CA ALA B 295 9.17 0.21 25.17
C ALA B 295 8.04 0.21 26.21
N PHE B 296 7.16 -0.78 26.08
CA PHE B 296 5.97 -0.93 26.94
C PHE B 296 6.35 -1.20 28.41
N LYS B 297 6.26 -0.15 29.24
CA LYS B 297 6.58 -0.23 30.68
C LYS B 297 5.30 -0.48 31.46
N LEU B 298 5.26 -1.55 32.25
CA LEU B 298 4.16 -1.84 33.17
C LEU B 298 4.51 -1.31 34.56
N THR B 299 4.08 -0.08 34.84
CA THR B 299 4.46 0.64 36.07
C THR B 299 3.75 0.12 37.34
N THR B 300 4.32 0.46 38.49
CA THR B 300 3.76 0.05 39.79
C THR B 300 2.32 0.52 40.01
N GLU B 301 2.02 1.71 39.48
CA GLU B 301 0.68 2.26 39.59
C GLU B 301 -0.28 1.63 38.60
N PHE B 302 0.23 1.16 37.47
CA PHE B 302 -0.53 0.24 36.59
C PHE B 302 -0.82 -1.09 37.29
N VAL B 303 0.20 -1.68 37.90
CA VAL B 303 0.05 -2.96 38.60
C VAL B 303 -0.91 -2.85 39.80
N ASP B 304 -0.86 -1.71 40.51
CA ASP B 304 -1.83 -1.45 41.58
C ASP B 304 -3.28 -1.28 41.13
N VAL B 305 -3.51 -0.80 39.91
CA VAL B 305 -4.87 -0.80 39.33
C VAL B 305 -5.42 -2.24 39.15
N MET B 306 -4.52 -3.21 38.91
CA MET B 306 -4.87 -4.64 38.78
C MET B 306 -4.83 -5.43 40.12
N GLY B 307 -4.76 -4.74 41.26
CA GLY B 307 -4.65 -5.38 42.57
C GLY B 307 -3.35 -6.09 42.83
N GLY B 308 -2.23 -5.52 42.37
CA GLY B 308 -0.88 -6.00 42.72
C GLY B 308 -0.42 -7.25 41.98
N LEU B 309 0.83 -7.64 42.25
CA LEU B 309 1.48 -8.80 41.59
C LEU B 309 0.89 -10.13 42.07
N ASP B 310 0.81 -10.30 43.39
CA ASP B 310 0.10 -11.43 44.03
C ASP B 310 -1.41 -11.14 44.04
N GLY B 311 -2.04 -11.30 42.86
CA GLY B 311 -3.45 -10.93 42.65
C GLY B 311 -4.13 -11.62 41.49
N ASP B 312 -5.46 -11.68 41.55
CA ASP B 312 -6.27 -12.48 40.61
C ASP B 312 -6.34 -11.86 39.22
N MET B 313 -6.56 -10.54 39.16
CA MET B 313 -6.63 -9.80 37.87
C MET B 313 -5.28 -9.65 37.15
N PHE B 314 -4.17 -9.65 37.90
CA PHE B 314 -2.82 -9.72 37.32
C PHE B 314 -2.52 -11.10 36.72
N ASN B 315 -2.97 -12.17 37.39
CA ASN B 315 -2.93 -13.52 36.79
C ASN B 315 -3.76 -13.57 35.49
N TYR B 316 -4.94 -12.95 35.51
CA TYR B 316 -5.82 -12.78 34.33
C TYR B 316 -5.17 -11.95 33.19
N TYR B 317 -4.43 -10.89 33.53
CA TYR B 317 -3.64 -10.11 32.56
C TYR B 317 -2.61 -10.98 31.84
N LYS B 318 -1.85 -11.77 32.60
CA LYS B 318 -0.88 -12.72 32.02
C LYS B 318 -1.54 -13.78 31.15
N MET B 319 -2.73 -14.24 31.54
CA MET B 319 -3.53 -15.17 30.73
C MET B 319 -3.95 -14.60 29.38
N LEU B 320 -4.49 -13.38 29.40
CA LEU B 320 -4.92 -12.68 28.17
C LEU B 320 -3.77 -12.43 27.15
N MET B 321 -2.56 -12.15 27.66
CA MET B 321 -1.35 -12.05 26.83
C MET B 321 -0.96 -13.36 26.15
N LEU B 322 -1.01 -14.46 26.88
CA LEU B 322 -0.77 -15.81 26.33
C LEU B 322 -1.85 -16.19 25.29
N GLN B 323 -3.12 -16.00 25.66
CA GLN B 323 -4.28 -16.31 24.79
C GLN B 323 -4.32 -15.50 23.48
N GLY B 324 -4.00 -14.22 23.56
CA GLY B 324 -3.87 -13.35 22.39
C GLY B 324 -2.70 -13.66 21.45
N LEU B 325 -1.57 -14.09 22.04
CA LEU B 325 -0.36 -14.42 21.28
C LEU B 325 -0.48 -15.71 20.48
N ILE B 326 -1.11 -16.75 21.06
CA ILE B 326 -1.43 -17.97 20.32
C ILE B 326 -2.42 -17.71 19.17
N ALA B 327 -3.42 -16.85 19.43
CA ALA B 327 -4.35 -16.37 18.41
C ALA B 327 -3.66 -15.57 17.28
N ALA B 328 -2.67 -14.77 17.66
CA ALA B 328 -1.80 -14.06 16.71
C ALA B 328 -0.85 -14.97 15.91
N ARG B 329 -0.32 -16.04 16.53
CA ARG B 329 0.55 -17.02 15.83
C ARG B 329 -0.14 -17.71 14.67
N LYS B 330 -1.37 -18.17 14.93
CA LYS B 330 -2.19 -18.87 13.93
C LYS B 330 -2.59 -18.00 12.75
N HIS B 331 -2.89 -16.73 13.01
CA HIS B 331 -3.33 -15.77 11.97
C HIS B 331 -2.20 -14.82 11.47
N MET B 332 -0.94 -15.22 11.57
CA MET B 332 0.17 -14.30 11.29
C MET B 332 0.32 -13.84 9.81
N ASP B 333 -0.05 -14.71 8.88
CA ASP B 333 -0.15 -14.33 7.45
C ASP B 333 -1.11 -13.15 7.21
N LYS B 334 -2.26 -13.17 7.89
CA LYS B 334 -3.26 -12.08 7.81
C LYS B 334 -2.76 -10.70 8.30
N VAL B 335 -1.82 -10.69 9.26
CA VAL B 335 -1.14 -9.47 9.70
C VAL B 335 0.01 -9.11 8.75
N VAL B 336 0.91 -10.06 8.52
CA VAL B 336 2.11 -9.86 7.65
C VAL B 336 1.77 -9.39 6.22
N GLN B 337 0.66 -9.91 5.67
CA GLN B 337 0.03 -9.39 4.45
C GLN B 337 -0.14 -7.86 4.52
N ILE B 338 -0.79 -7.42 5.59
CA ILE B 338 -1.09 -5.99 5.83
C ILE B 338 0.19 -5.14 6.02
N VAL B 339 1.23 -5.72 6.60
CA VAL B 339 2.52 -5.03 6.76
C VAL B 339 3.19 -4.86 5.39
N GLU B 340 3.34 -5.97 4.66
CA GLU B 340 3.94 -5.93 3.31
C GLU B 340 3.22 -4.96 2.34
N ILE B 341 1.88 -4.95 2.35
CA ILE B 341 1.07 -4.06 1.50
C ILE B 341 1.29 -2.55 1.77
N MET B 342 1.68 -2.18 2.98
CA MET B 342 1.86 -0.76 3.34
C MET B 342 3.30 -0.26 3.24
N GLN B 343 4.27 -1.17 3.22
CA GLN B 343 5.68 -0.78 3.13
C GLN B 343 6.18 -0.85 1.70
N GLN B 344 5.87 -1.93 0.98
CA GLN B 344 6.56 -2.23 -0.31
C GLN B 344 6.37 -1.17 -1.40
N GLY B 345 5.21 -0.54 -1.44
CA GLY B 345 4.97 0.62 -2.30
C GLY B 345 5.71 1.89 -1.94
N SER B 346 5.77 2.19 -0.63
CA SER B 346 6.27 3.46 -0.09
C SER B 346 7.79 3.56 -0.17
N GLN B 347 8.32 4.76 0.08
CA GLN B 347 9.71 5.13 -0.28
C GLN B 347 10.89 4.58 0.57
N LEU B 348 10.62 3.67 1.52
CA LEU B 348 11.66 2.84 2.16
C LEU B 348 12.25 1.81 1.17
N PRO B 349 13.56 1.47 1.30
CA PRO B 349 14.10 0.39 0.46
C PRO B 349 13.56 -1.02 0.80
N CYS B 350 13.46 -1.84 -0.24
CA CYS B 350 13.06 -3.26 -0.09
C CYS B 350 14.03 -4.09 0.75
N PHE B 351 15.32 -3.74 0.74
CA PHE B 351 16.30 -4.32 1.66
C PHE B 351 16.22 -3.95 3.14
N HIS B 352 15.67 -2.78 3.50
CA HIS B 352 15.18 -2.52 4.86
C HIS B 352 13.79 -3.11 5.11
N GLY B 353 12.94 -3.18 4.07
CA GLY B 353 11.70 -3.96 4.10
C GLY B 353 11.84 -5.44 4.41
N SER B 354 12.93 -6.06 3.94
CA SER B 354 13.16 -7.51 4.09
C SER B 354 13.56 -7.96 5.51
N SER B 355 14.37 -7.16 6.20
CA SER B 355 14.64 -7.38 7.65
C SER B 355 13.42 -7.10 8.55
N THR B 356 12.55 -6.16 8.14
CA THR B 356 11.40 -5.72 8.96
C THR B 356 10.35 -6.83 9.11
N ILE B 357 10.06 -7.54 8.02
CA ILE B 357 9.18 -8.73 8.04
C ILE B 357 9.87 -9.93 8.72
N ARG B 358 11.17 -10.11 8.47
CA ARG B 358 11.98 -11.18 9.09
C ARG B 358 11.97 -11.10 10.62
N ASN B 359 12.23 -9.89 11.12
CA ASN B 359 12.18 -9.59 12.56
C ASN B 359 10.76 -9.66 13.13
N LEU B 360 9.77 -9.16 12.37
CA LEU B 360 8.35 -9.30 12.72
C LEU B 360 7.90 -10.74 12.85
N LYS B 361 8.27 -11.56 11.87
CA LYS B 361 7.96 -13.00 11.85
C LYS B 361 8.53 -13.73 13.07
N GLU B 362 9.82 -13.48 13.34
CA GLU B 362 10.50 -14.00 14.54
C GLU B 362 9.81 -13.66 15.87
N ARG B 363 9.20 -12.47 15.95
CA ARG B 363 8.43 -12.06 17.15
C ARG B 363 7.11 -12.83 17.41
N PHE B 364 6.60 -13.55 16.42
CA PHE B 364 5.53 -14.54 16.64
C PHE B 364 6.01 -15.84 17.30
N HIS B 365 7.28 -16.23 17.04
CA HIS B 365 7.94 -17.38 17.68
C HIS B 365 7.18 -18.70 17.42
N MET B 366 7.14 -19.07 16.14
CA MET B 366 6.41 -20.25 15.66
C MET B 366 7.13 -21.56 16.02
N SER B 367 8.46 -21.55 15.98
CA SER B 367 9.32 -22.67 16.43
C SER B 367 9.15 -23.06 17.92
N MET B 368 8.84 -22.10 18.79
CA MET B 368 8.59 -22.36 20.23
C MET B 368 7.31 -23.18 20.46
N THR B 369 7.32 -23.93 21.56
CA THR B 369 6.13 -24.62 22.08
C THR B 369 5.26 -23.68 22.92
N GLU B 370 4.06 -24.15 23.26
CA GLU B 370 3.16 -23.43 24.17
C GLU B 370 3.73 -23.26 25.59
N GLU B 371 4.48 -24.26 26.06
CA GLU B 371 5.21 -24.16 27.35
C GLU B 371 6.31 -23.09 27.29
N GLN B 372 7.11 -23.09 26.22
CA GLN B 372 8.11 -22.03 25.98
C GLN B 372 7.50 -20.63 25.75
N LEU B 373 6.30 -20.60 25.18
CA LEU B 373 5.50 -19.35 25.07
C LEU B 373 5.01 -18.78 26.41
N GLN B 374 4.72 -19.65 27.37
CA GLN B 374 4.40 -19.22 28.76
C GLN B 374 5.61 -18.50 29.37
N LEU B 375 6.78 -19.15 29.29
CA LEU B 375 8.07 -18.57 29.70
C LEU B 375 8.42 -17.26 28.98
N LEU B 376 8.06 -17.16 27.70
CA LEU B 376 8.20 -15.90 26.93
C LEU B 376 7.33 -14.78 27.51
N VAL B 377 6.05 -15.08 27.74
CA VAL B 377 5.10 -14.14 28.37
C VAL B 377 5.58 -13.69 29.77
N GLU B 378 6.01 -14.64 30.58
CA GLU B 378 6.59 -14.36 31.91
C GLU B 378 7.85 -13.47 31.81
N GLN B 379 8.79 -13.84 30.94
CA GLN B 379 10.01 -13.02 30.66
C GLN B 379 9.68 -11.62 30.11
N MET B 380 8.64 -11.54 29.28
CA MET B 380 8.14 -10.27 28.72
C MET B 380 7.60 -9.32 29.81
N VAL B 381 6.78 -9.87 30.69
CA VAL B 381 6.18 -9.13 31.84
C VAL B 381 7.24 -8.70 32.86
N ASP B 382 8.21 -9.57 33.17
CA ASP B 382 9.38 -9.22 34.01
C ASP B 382 10.18 -8.06 33.44
N GLY B 383 10.46 -8.13 32.13
CA GLY B 383 11.10 -7.05 31.39
C GLY B 383 10.33 -5.75 31.35
N SER B 384 8.99 -5.85 31.27
CA SER B 384 8.11 -4.66 31.31
C SER B 384 8.09 -3.93 32.66
N MET B 385 8.43 -4.63 33.76
CA MET B 385 8.52 -4.08 35.12
C MET B 385 9.98 -3.78 35.53
N ARG B 386 10.61 -2.85 34.82
CA ARG B 386 11.99 -2.36 35.12
C ARG B 386 12.15 -0.85 34.90
#